data_6TU2
#
_entry.id   6TU2
#
_cell.length_a   39.070
_cell.length_b   86.690
_cell.length_c   87.300
_cell.angle_alpha   114.000
_cell.angle_beta   101.980
_cell.angle_gamma   97.210
#
_symmetry.space_group_name_H-M   'P 1'
#
loop_
_entity.id
_entity.type
_entity.pdbx_description
1 polymer Annexin
2 non-polymer 'CALCIUM ION'
3 water water
#
_entity_poly.entity_id   1
_entity_poly.type   'polypeptide(L)'
_entity_poly.pdbx_seq_one_letter_code
;MLHHHHHHPMGRGTITDASGFDPLRDAEVLRKAMKGFGTDEQAIIDCLGSRSNKQRQQILLSFKTAYGKDLIKDLKSELS
GNFEKTILALMKTPVLFDVYEIKEAIKGAGTDEACLIEILASRSNEHIRELNRAYKTEFKKTLEEAIRSDTSGHFQRLLI
SLSQGNRDESTNVDMSLVQRDVQELYAAGENRLGTDESKFNAILCSRSRAHLVAVFNEYQRMTGRDIEKSICREMSGDLE
QGMLAVVKCLKNTPAFFAERLNKAMRGAGTKDRTLIRIMVSRSELDLLDIRAEYKRMYGKSLYHDITGDTSGDYRKILLK
ICGGND
;
_entity_poly.pdbx_strand_id   A,B,C
#
# COMPACT_ATOMS: atom_id res chain seq x y z
N ARG A 12 8.99 10.86 20.08
CA ARG A 12 8.35 9.60 19.75
C ARG A 12 6.92 9.80 19.28
N GLY A 13 6.44 11.06 19.35
CA GLY A 13 5.14 11.38 18.80
C GLY A 13 5.23 11.88 17.37
N THR A 14 4.06 12.02 16.73
CA THR A 14 4.00 12.48 15.36
C THR A 14 3.65 13.95 15.24
N ILE A 15 2.99 14.52 16.25
CA ILE A 15 2.61 15.94 16.26
C ILE A 15 3.45 16.64 17.30
N THR A 16 4.13 17.71 16.88
CA THR A 16 4.96 18.52 17.75
C THR A 16 4.63 19.99 17.52
N ASP A 17 5.23 20.85 18.34
CA ASP A 17 4.94 22.27 18.26
C ASP A 17 5.23 22.80 16.87
N ALA A 18 4.24 23.47 16.27
CA ALA A 18 4.47 24.18 15.03
C ALA A 18 5.36 25.39 15.27
N SER A 19 6.29 25.63 14.35
CA SER A 19 7.20 26.75 14.48
C SER A 19 6.55 28.03 13.96
N GLY A 20 7.12 29.17 14.35
CA GLY A 20 6.57 30.45 14.00
C GLY A 20 5.10 30.55 14.34
N PHE A 21 4.78 30.38 15.62
CA PHE A 21 3.39 30.22 16.06
C PHE A 21 2.79 31.57 16.44
N ASP A 22 1.56 31.79 15.97
CA ASP A 22 0.76 32.95 16.35
C ASP A 22 -0.69 32.49 16.54
N PRO A 23 -1.19 32.42 17.78
CA PRO A 23 -2.54 31.88 17.97
C PRO A 23 -3.64 32.81 17.50
N LEU A 24 -3.47 34.12 17.67
CA LEU A 24 -4.49 35.06 17.20
C LEU A 24 -4.70 34.93 15.71
N ARG A 25 -3.64 34.60 14.96
CA ARG A 25 -3.76 34.44 13.52
C ARG A 25 -4.42 33.12 13.15
N ASP A 26 -4.05 32.04 13.83
CA ASP A 26 -4.72 30.77 13.60
C ASP A 26 -6.20 30.86 13.96
N ALA A 27 -6.53 31.66 14.98
CA ALA A 27 -7.93 31.92 15.28
C ALA A 27 -8.61 32.66 14.15
N GLU A 28 -7.87 33.59 13.53
CA GLU A 28 -8.39 34.28 12.34
C GLU A 28 -8.64 33.30 11.21
N VAL A 29 -7.72 32.35 11.01
CA VAL A 29 -7.92 31.33 9.98
C VAL A 29 -9.19 30.55 10.25
N LEU A 30 -9.44 30.18 11.51
CA LEU A 30 -10.60 29.36 11.82
C LEU A 30 -11.88 30.16 11.73
N ARG A 31 -11.84 31.44 12.12
CA ARG A 31 -13.01 32.30 11.96
C ARG A 31 -13.41 32.40 10.49
N LYS A 32 -12.44 32.65 9.62
CA LYS A 32 -12.73 32.77 8.19
C LYS A 32 -13.23 31.45 7.61
N ALA A 33 -12.78 30.32 8.18
CA ALA A 33 -13.23 29.02 7.67
C ALA A 33 -14.66 28.71 8.07
N MET A 34 -15.19 29.37 9.10
CA MET A 34 -16.56 29.13 9.57
C MET A 34 -17.49 30.29 9.31
N LYS A 35 -16.97 31.52 9.25
CA LYS A 35 -17.82 32.68 9.01
C LYS A 35 -18.47 32.59 7.64
N GLY A 36 -19.76 32.93 7.59
CA GLY A 36 -20.49 32.91 6.35
C GLY A 36 -21.13 31.57 6.05
N PHE A 37 -21.72 31.47 4.87
CA PHE A 37 -22.34 30.23 4.45
C PHE A 37 -21.27 29.18 4.14
N GLY A 38 -21.66 27.92 4.24
CA GLY A 38 -20.73 26.83 3.99
C GLY A 38 -19.60 26.78 5.00
N THR A 39 -18.73 25.79 4.82
CA THR A 39 -17.62 25.55 5.73
C THR A 39 -16.39 25.13 4.94
N ASP A 40 -15.23 25.57 5.41
CA ASP A 40 -13.94 25.23 4.79
C ASP A 40 -13.26 24.18 5.66
N GLU A 41 -13.68 22.93 5.48
CA GLU A 41 -13.17 21.85 6.33
C GLU A 41 -11.67 21.67 6.18
N GLN A 42 -11.12 21.99 5.00
CA GLN A 42 -9.70 21.76 4.77
C GLN A 42 -8.83 22.70 5.60
N ALA A 43 -9.27 23.95 5.76
CA ALA A 43 -8.47 24.91 6.50
C ALA A 43 -8.44 24.57 8.00
N ILE A 44 -9.57 24.08 8.53
CA ILE A 44 -9.60 23.62 9.91
C ILE A 44 -8.58 22.52 10.13
N ILE A 45 -8.52 21.56 9.19
CA ILE A 45 -7.62 20.42 9.33
C ILE A 45 -6.18 20.87 9.19
N ASP A 46 -5.89 21.71 8.19
CA ASP A 46 -4.52 22.17 8.00
C ASP A 46 -3.99 22.91 9.23
N CYS A 47 -4.87 23.57 9.97
CA CYS A 47 -4.46 24.37 11.13
C CYS A 47 -4.41 23.51 12.39
N LEU A 48 -5.58 23.08 12.87
CA LEU A 48 -5.63 22.35 14.13
C LEU A 48 -4.80 21.08 14.09
N GLY A 49 -4.84 20.36 12.96
CA GLY A 49 -4.08 19.12 12.84
C GLY A 49 -2.59 19.31 12.83
N SER A 50 -2.10 20.53 12.59
CA SER A 50 -0.67 20.80 12.52
C SER A 50 -0.18 21.60 13.72
N ARG A 51 -0.93 21.58 14.83
CA ARG A 51 -0.55 22.28 16.04
C ARG A 51 -0.54 21.31 17.22
N SER A 52 0.42 21.48 18.12
CA SER A 52 0.41 20.74 19.36
C SER A 52 -0.83 21.10 20.18
N ASN A 53 -1.16 20.24 21.14
CA ASN A 53 -2.36 20.47 21.94
C ASN A 53 -2.27 21.77 22.72
N LYS A 54 -1.10 22.05 23.31
CA LYS A 54 -0.93 23.30 24.05
C LYS A 54 -1.15 24.51 23.16
N GLN A 55 -0.78 24.41 21.88
CA GLN A 55 -1.02 25.52 20.96
C GLN A 55 -2.49 25.66 20.62
N ARG A 56 -3.22 24.55 20.53
CA ARG A 56 -4.66 24.64 20.32
C ARG A 56 -5.36 25.32 21.49
N GLN A 57 -4.76 25.27 22.68
CA GLN A 57 -5.35 25.98 23.82
C GLN A 57 -5.13 27.48 23.70
N GLN A 58 -3.93 27.88 23.29
CA GLN A 58 -3.68 29.29 23.00
C GLN A 58 -4.61 29.80 21.91
N ILE A 59 -4.73 29.04 20.82
CA ILE A 59 -5.67 29.42 19.76
C ILE A 59 -7.06 29.58 20.32
N LEU A 60 -7.47 28.66 21.20
CA LEU A 60 -8.79 28.74 21.80
C LEU A 60 -8.96 30.05 22.58
N LEU A 61 -7.92 30.44 23.32
CA LEU A 61 -7.99 31.67 24.09
C LEU A 61 -7.92 32.90 23.20
N SER A 62 -7.14 32.83 22.12
CA SER A 62 -7.08 33.95 21.18
C SER A 62 -8.39 34.10 20.42
N PHE A 63 -9.02 32.98 20.04
CA PHE A 63 -10.29 33.05 19.32
C PHE A 63 -11.34 33.77 20.16
N LYS A 64 -11.48 33.39 21.43
CA LYS A 64 -12.48 34.01 22.29
C LYS A 64 -12.15 35.45 22.60
N THR A 65 -10.87 35.78 22.71
CA THR A 65 -10.46 37.16 22.96
C THR A 65 -10.84 38.06 21.80
N ALA A 66 -10.51 37.63 20.57
CA ALA A 66 -10.71 38.50 19.41
C ALA A 66 -12.18 38.70 19.10
N TYR A 67 -12.97 37.62 19.14
CA TYR A 67 -14.33 37.67 18.63
C TYR A 67 -15.40 37.48 19.71
N GLY A 68 -15.01 37.20 20.94
CA GLY A 68 -16.01 36.95 21.97
C GLY A 68 -16.95 35.81 21.65
N LYS A 69 -16.49 34.82 20.90
CA LYS A 69 -17.23 33.61 20.61
C LYS A 69 -16.43 32.40 21.09
N ASP A 70 -17.13 31.31 21.35
CA ASP A 70 -16.49 30.09 21.81
C ASP A 70 -16.12 29.23 20.61
N LEU A 71 -14.82 29.02 20.41
CA LEU A 71 -14.36 28.22 19.28
C LEU A 71 -14.99 26.83 19.28
N ILE A 72 -14.92 26.13 20.41
CA ILE A 72 -15.47 24.77 20.47
C ILE A 72 -16.96 24.79 20.14
N LYS A 73 -17.69 25.78 20.63
CA LYS A 73 -19.12 25.84 20.33
C LYS A 73 -19.36 26.01 18.84
N ASP A 74 -18.52 26.81 18.17
CA ASP A 74 -18.74 27.08 16.76
C ASP A 74 -18.41 25.86 15.90
N LEU A 75 -17.25 25.25 16.14
CA LEU A 75 -16.92 24.01 15.43
C LEU A 75 -17.99 22.95 15.66
N LYS A 76 -18.50 22.88 16.89
CA LYS A 76 -19.49 21.86 17.22
C LYS A 76 -20.76 22.02 16.39
N SER A 77 -21.15 23.26 16.12
CA SER A 77 -22.32 23.53 15.30
C SER A 77 -22.01 23.58 13.80
N GLU A 78 -20.74 23.80 13.44
CA GLU A 78 -20.35 23.89 12.04
C GLU A 78 -20.07 22.52 11.44
N LEU A 79 -19.46 21.63 12.21
CA LEU A 79 -19.08 20.31 11.75
C LEU A 79 -20.07 19.26 12.25
N SER A 80 -19.95 18.05 11.72
CA SER A 80 -20.84 16.96 12.08
C SER A 80 -20.14 15.64 11.85
N GLY A 81 -20.76 14.57 12.34
CA GLY A 81 -20.24 13.23 12.12
C GLY A 81 -18.95 12.98 12.89
N ASN A 82 -18.25 11.93 12.46
CA ASN A 82 -16.99 11.57 13.08
C ASN A 82 -15.89 12.57 12.78
N PHE A 83 -16.04 13.39 11.75
CA PHE A 83 -15.09 14.48 11.54
C PHE A 83 -15.18 15.51 12.66
N GLU A 84 -16.40 15.84 13.08
CA GLU A 84 -16.58 16.69 14.26
C GLU A 84 -15.91 16.06 15.48
N LYS A 85 -16.20 14.78 15.73
CA LYS A 85 -15.70 14.14 16.94
C LYS A 85 -14.18 14.17 17.02
N THR A 86 -13.51 13.98 15.87
CA THR A 86 -12.05 14.04 15.87
C THR A 86 -11.56 15.43 16.23
N ILE A 87 -12.22 16.47 15.71
CA ILE A 87 -11.78 17.84 15.97
C ILE A 87 -11.99 18.19 17.45
N LEU A 88 -13.17 17.88 17.99
CA LEU A 88 -13.43 18.17 19.39
C LEU A 88 -12.48 17.39 20.30
N ALA A 89 -12.19 16.15 19.95
CA ALA A 89 -11.22 15.38 20.71
C ALA A 89 -9.85 16.03 20.67
N LEU A 90 -9.48 16.62 19.52
CA LEU A 90 -8.20 17.30 19.40
C LEU A 90 -8.16 18.56 20.26
N MET A 91 -9.31 19.19 20.50
CA MET A 91 -9.34 20.45 21.24
C MET A 91 -9.30 20.27 22.75
N LYS A 92 -9.52 19.06 23.25
CA LYS A 92 -9.39 18.81 24.68
C LYS A 92 -7.93 18.57 25.04
N THR A 93 -7.56 18.98 26.25
CA THR A 93 -6.23 18.68 26.74
C THR A 93 -6.10 17.18 27.01
N PRO A 94 -4.88 16.65 26.99
CA PRO A 94 -4.72 15.21 27.22
C PRO A 94 -5.44 14.69 28.45
N VAL A 95 -5.41 15.45 29.55
CA VAL A 95 -6.05 14.99 30.78
C VAL A 95 -7.57 15.04 30.65
N LEU A 96 -8.10 16.12 30.07
CA LEU A 96 -9.54 16.27 29.98
C LEU A 96 -10.16 15.40 28.89
N PHE A 97 -9.38 15.04 27.87
CA PHE A 97 -9.86 14.05 26.91
C PHE A 97 -9.97 12.67 27.56
N ASP A 98 -8.96 12.29 28.34
CA ASP A 98 -9.07 11.04 29.11
C ASP A 98 -10.26 11.08 30.07
N VAL A 99 -10.51 12.25 30.66
CA VAL A 99 -11.58 12.34 31.66
C VAL A 99 -12.94 12.10 31.01
N TYR A 100 -13.18 12.71 29.85
CA TYR A 100 -14.48 12.56 29.21
C TYR A 100 -14.63 11.19 28.55
N GLU A 101 -13.54 10.59 28.09
CA GLU A 101 -13.63 9.24 27.53
C GLU A 101 -14.06 8.24 28.59
N ILE A 102 -13.50 8.35 29.80
CA ILE A 102 -13.91 7.47 30.88
C ILE A 102 -15.38 7.72 31.21
N LYS A 103 -15.80 8.98 31.21
CA LYS A 103 -17.18 9.31 31.54
C LYS A 103 -18.14 8.65 30.55
N GLU A 104 -17.88 8.81 29.25
CA GLU A 104 -18.78 8.24 28.26
C GLU A 104 -18.78 6.72 28.32
N ALA A 105 -17.62 6.12 28.61
CA ALA A 105 -17.55 4.66 28.72
C ALA A 105 -18.49 4.16 29.82
N ILE A 106 -18.61 4.91 30.92
CA ILE A 106 -19.50 4.54 32.01
C ILE A 106 -20.90 5.12 31.83
N LYS A 107 -21.06 6.07 30.93
CA LYS A 107 -22.34 6.76 30.76
C LYS A 107 -23.42 5.78 30.29
N GLY A 108 -24.64 5.99 30.78
CA GLY A 108 -25.77 5.22 30.34
C GLY A 108 -25.67 3.74 30.73
N ALA A 109 -26.45 2.93 30.03
CA ALA A 109 -26.48 1.50 30.28
C ALA A 109 -25.33 0.81 29.55
N GLY A 110 -24.79 -0.23 30.18
CA GLY A 110 -23.65 -0.92 29.64
C GLY A 110 -22.36 -0.21 30.00
N THR A 111 -21.25 -0.83 29.59
CA THR A 111 -19.92 -0.32 29.90
C THR A 111 -18.99 -0.55 28.72
N ASP A 112 -18.16 0.45 28.44
CA ASP A 112 -17.09 0.31 27.46
C ASP A 112 -15.83 -0.05 28.23
N GLU A 113 -15.73 -1.34 28.57
CA GLU A 113 -14.63 -1.80 29.41
C GLU A 113 -13.28 -1.63 28.71
N ALA A 114 -13.26 -1.84 27.38
CA ALA A 114 -12.01 -1.74 26.65
C ALA A 114 -11.40 -0.35 26.79
N CYS A 115 -12.23 0.70 26.74
CA CYS A 115 -11.71 2.06 26.91
C CYS A 115 -11.13 2.25 28.29
N LEU A 116 -11.87 1.83 29.33
CA LEU A 116 -11.32 1.91 30.68
C LEU A 116 -10.00 1.16 30.78
N ILE A 117 -9.91 0.00 30.15
CA ILE A 117 -8.67 -0.79 30.18
C ILE A 117 -7.56 -0.07 29.41
N GLU A 118 -7.88 0.42 28.21
CA GLU A 118 -6.88 1.08 27.38
C GLU A 118 -6.22 2.22 28.13
N ILE A 119 -7.02 3.06 28.78
CA ILE A 119 -6.47 4.23 29.47
C ILE A 119 -5.70 3.79 30.71
N LEU A 120 -6.37 3.10 31.63
CA LEU A 120 -5.78 2.80 32.93
C LEU A 120 -4.55 1.92 32.83
N ALA A 121 -4.39 1.17 31.75
CA ALA A 121 -3.25 0.27 31.60
C ALA A 121 -2.04 0.92 30.94
N SER A 122 -2.21 2.05 30.26
CA SER A 122 -1.15 2.65 29.48
C SER A 122 -0.58 3.94 30.06
N ARG A 123 -1.39 4.70 30.79
CA ARG A 123 -0.95 6.01 31.26
C ARG A 123 0.00 5.88 32.44
N SER A 124 0.84 6.90 32.60
CA SER A 124 1.85 6.92 33.65
C SER A 124 1.22 7.24 35.01
N ASN A 125 2.04 7.12 36.06
CA ASN A 125 1.59 7.49 37.39
C ASN A 125 1.21 8.96 37.44
N GLU A 126 2.09 9.84 36.98
CA GLU A 126 1.84 11.27 37.03
C GLU A 126 0.55 11.63 36.28
N HIS A 127 0.33 11.02 35.11
CA HIS A 127 -0.86 11.34 34.35
C HIS A 127 -2.12 10.84 35.06
N ILE A 128 -2.06 9.64 35.64
CA ILE A 128 -3.25 9.09 36.30
C ILE A 128 -3.61 9.91 37.53
N ARG A 129 -2.60 10.33 38.30
CA ARG A 129 -2.86 11.24 39.41
C ARG A 129 -3.60 12.49 38.95
N GLU A 130 -3.27 12.98 37.76
CA GLU A 130 -3.97 14.14 37.22
C GLU A 130 -5.38 13.79 36.76
N LEU A 131 -5.59 12.56 36.29
CA LEU A 131 -6.95 12.14 35.95
C LEU A 131 -7.86 12.19 37.16
N ASN A 132 -7.36 11.75 38.32
CA ASN A 132 -8.18 11.72 39.52
C ASN A 132 -8.63 13.12 39.92
N ARG A 133 -7.69 14.06 39.97
CA ARG A 133 -8.05 15.44 40.30
C ARG A 133 -9.03 16.01 39.29
N ALA A 134 -8.73 15.84 38.00
CA ALA A 134 -9.56 16.41 36.95
C ALA A 134 -10.96 15.78 36.96
N TYR A 135 -11.04 14.46 37.14
CA TYR A 135 -12.34 13.80 37.13
C TYR A 135 -13.22 14.32 38.26
N LYS A 136 -12.62 14.49 39.45
CA LYS A 136 -13.36 15.02 40.59
C LYS A 136 -13.78 16.46 40.34
N THR A 137 -12.87 17.28 39.80
CA THR A 137 -13.19 18.67 39.51
C THR A 137 -14.37 18.76 38.54
N GLU A 138 -14.35 17.96 37.48
CA GLU A 138 -15.32 18.13 36.40
C GLU A 138 -16.66 17.48 36.70
N PHE A 139 -16.69 16.43 37.52
CA PHE A 139 -17.90 15.65 37.72
C PHE A 139 -18.23 15.52 39.19
N LYS A 140 -19.47 15.12 39.45
CA LYS A 140 -19.95 14.93 40.82
C LYS A 140 -19.06 13.95 41.58
N LYS A 141 -18.75 12.81 40.96
CA LYS A 141 -18.07 11.73 41.64
C LYS A 141 -16.56 11.83 41.48
N THR A 142 -15.85 11.01 42.25
CA THR A 142 -14.43 10.78 42.06
C THR A 142 -14.22 9.69 41.02
N LEU A 143 -13.01 9.63 40.46
CA LEU A 143 -12.72 8.58 39.49
C LEU A 143 -12.99 7.20 40.08
N GLU A 144 -12.59 6.99 41.33
CA GLU A 144 -12.79 5.69 41.96
C GLU A 144 -14.28 5.38 42.12
N GLU A 145 -15.05 6.34 42.61
CA GLU A 145 -16.50 6.13 42.74
C GLU A 145 -17.13 5.82 41.39
N ALA A 146 -16.66 6.49 40.33
CA ALA A 146 -17.16 6.19 39.00
C ALA A 146 -16.85 4.76 38.59
N ILE A 147 -15.64 4.30 38.90
CA ILE A 147 -15.25 2.92 38.59
C ILE A 147 -16.17 1.94 39.32
N ARG A 148 -16.26 2.07 40.64
CA ARG A 148 -17.05 1.13 41.44
C ARG A 148 -18.46 0.97 40.88
N SER A 149 -19.05 2.05 40.38
CA SER A 149 -20.44 1.98 39.94
C SER A 149 -20.58 1.07 38.72
N ASP A 150 -19.58 1.03 37.84
CA ASP A 150 -19.74 0.38 36.55
C ASP A 150 -19.01 -0.95 36.41
N THR A 151 -18.13 -1.30 37.35
CA THR A 151 -17.39 -2.56 37.29
C THR A 151 -17.62 -3.33 38.58
N SER A 152 -17.21 -4.60 38.57
CA SER A 152 -17.41 -5.47 39.71
C SER A 152 -16.33 -6.54 39.74
N GLY A 153 -16.29 -7.28 40.86
CA GLY A 153 -15.40 -8.41 40.99
C GLY A 153 -13.93 -8.02 41.03
N HIS A 154 -13.08 -8.98 40.64
CA HIS A 154 -11.65 -8.73 40.58
C HIS A 154 -11.29 -7.73 39.48
N PHE A 155 -12.15 -7.54 38.49
CA PHE A 155 -11.90 -6.54 37.46
C PHE A 155 -12.00 -5.13 38.04
N GLN A 156 -13.03 -4.89 38.85
CA GLN A 156 -13.13 -3.60 39.55
C GLN A 156 -11.86 -3.31 40.33
N ARG A 157 -11.34 -4.31 41.06
CA ARG A 157 -10.11 -4.11 41.82
C ARG A 157 -8.96 -3.76 40.89
N LEU A 158 -8.91 -4.39 39.71
CA LEU A 158 -7.82 -4.13 38.78
C LEU A 158 -7.80 -2.67 38.35
N LEU A 159 -8.97 -2.12 38.04
CA LEU A 159 -9.04 -0.72 37.63
C LEU A 159 -8.75 0.21 38.79
N ILE A 160 -9.27 -0.10 39.98
CA ILE A 160 -8.99 0.72 41.15
C ILE A 160 -7.50 0.72 41.45
N SER A 161 -6.84 -0.44 41.33
CA SER A 161 -5.40 -0.50 41.56
C SER A 161 -4.66 0.40 40.58
N LEU A 162 -4.89 0.21 39.28
CA LEU A 162 -4.23 1.04 38.28
C LEU A 162 -4.59 2.51 38.45
N SER A 163 -5.81 2.80 38.88
CA SER A 163 -6.26 4.19 39.02
C SER A 163 -5.60 4.92 40.20
N GLN A 164 -4.70 4.26 40.94
CA GLN A 164 -3.98 4.93 42.00
C GLN A 164 -2.76 5.68 41.48
N GLY A 165 -2.26 5.33 40.30
CA GLY A 165 -1.05 5.93 39.78
C GLY A 165 0.10 5.81 40.76
N ASN A 166 0.28 4.61 41.32
CA ASN A 166 1.26 4.37 42.37
C ASN A 166 2.17 3.19 42.06
N ARG A 167 2.31 2.82 40.79
CA ARG A 167 3.24 1.77 40.43
C ARG A 167 4.65 2.14 40.88
N ASP A 168 5.38 1.15 41.40
CA ASP A 168 6.77 1.36 41.77
C ASP A 168 7.53 1.91 40.58
N GLU A 169 8.09 3.11 40.75
CA GLU A 169 8.76 3.81 39.66
C GLU A 169 10.25 3.51 39.61
N SER A 170 10.72 2.54 40.39
CA SER A 170 12.12 2.17 40.35
C SER A 170 12.45 1.45 39.04
N THR A 171 13.72 1.51 38.66
CA THR A 171 14.21 0.79 37.49
C THR A 171 15.24 -0.27 37.87
N ASN A 172 15.59 -0.40 39.15
CA ASN A 172 16.53 -1.41 39.59
C ASN A 172 15.80 -2.74 39.82
N VAL A 173 16.39 -3.82 39.34
CA VAL A 173 15.78 -5.14 39.36
C VAL A 173 16.56 -6.02 40.35
N ASP A 174 15.82 -6.70 41.23
CA ASP A 174 16.39 -7.66 42.17
C ASP A 174 15.94 -9.06 41.76
N MET A 175 16.87 -9.83 41.18
CA MET A 175 16.50 -11.15 40.69
C MET A 175 16.00 -12.06 41.80
N SER A 176 16.51 -11.88 43.03
CA SER A 176 15.98 -12.64 44.15
C SER A 176 14.48 -12.43 44.30
N LEU A 177 14.03 -11.19 44.15
CA LEU A 177 12.60 -10.91 44.27
C LEU A 177 11.85 -11.18 42.97
N VAL A 178 12.52 -11.06 41.83
CA VAL A 178 11.89 -11.43 40.56
C VAL A 178 11.53 -12.91 40.57
N GLN A 179 12.50 -13.77 40.89
CA GLN A 179 12.22 -15.20 40.93
C GLN A 179 11.14 -15.53 41.95
N ARG A 180 11.15 -14.84 43.09
CA ARG A 180 10.10 -15.03 44.08
C ARG A 180 8.73 -14.66 43.51
N ASP A 181 8.67 -13.56 42.75
CA ASP A 181 7.43 -13.19 42.11
C ASP A 181 6.99 -14.23 41.09
N VAL A 182 7.93 -14.76 40.31
CA VAL A 182 7.59 -15.80 39.33
C VAL A 182 6.97 -17.00 40.04
N GLN A 183 7.64 -17.48 41.10
CA GLN A 183 7.11 -18.63 41.84
C GLN A 183 5.71 -18.35 42.35
N GLU A 184 5.47 -17.14 42.85
CA GLU A 184 4.14 -16.82 43.37
C GLU A 184 3.09 -16.83 42.27
N LEU A 185 3.41 -16.25 41.11
CA LEU A 185 2.46 -16.28 40.00
C LEU A 185 2.16 -17.71 39.59
N TYR A 186 3.19 -18.55 39.47
CA TYR A 186 2.98 -19.95 39.14
C TYR A 186 2.03 -20.61 40.15
N ALA A 187 2.20 -20.30 41.43
CA ALA A 187 1.38 -20.90 42.47
C ALA A 187 -0.02 -20.30 42.53
N ALA A 188 -0.18 -19.06 42.07
CA ALA A 188 -1.48 -18.39 42.16
C ALA A 188 -2.43 -18.79 41.04
N GLY A 189 -1.96 -19.48 40.00
CA GLY A 189 -2.84 -19.84 38.91
C GLY A 189 -2.56 -21.19 38.28
N GLU A 190 -1.46 -21.28 37.53
CA GLU A 190 -1.23 -22.46 36.69
C GLU A 190 -1.00 -23.71 37.52
N ASN A 191 -0.30 -23.59 38.65
CA ASN A 191 0.07 -24.75 39.46
C ASN A 191 -0.97 -25.08 40.52
N ARG A 192 -2.22 -24.70 40.31
CA ARG A 192 -3.26 -24.96 41.30
C ARG A 192 -4.61 -25.05 40.61
N LEU A 193 -5.56 -25.66 41.30
CA LEU A 193 -6.95 -25.66 40.85
C LEU A 193 -7.59 -24.32 41.22
N GLY A 194 -8.15 -23.65 40.22
CA GLY A 194 -8.66 -22.32 40.44
C GLY A 194 -7.58 -21.26 40.28
N THR A 195 -7.94 -20.04 40.66
CA THR A 195 -7.07 -18.89 40.48
C THR A 195 -7.16 -17.98 41.69
N ASP A 196 -6.01 -17.47 42.13
CA ASP A 196 -5.95 -16.39 43.13
C ASP A 196 -5.70 -15.10 42.36
N GLU A 197 -6.78 -14.48 41.89
CA GLU A 197 -6.66 -13.28 41.07
C GLU A 197 -5.95 -12.16 41.82
N SER A 198 -6.11 -12.10 43.14
CA SER A 198 -5.51 -11.01 43.90
C SER A 198 -3.99 -11.03 43.82
N LYS A 199 -3.39 -12.21 43.72
CA LYS A 199 -1.93 -12.28 43.64
C LYS A 199 -1.43 -11.72 42.32
N PHE A 200 -2.13 -12.02 41.21
CA PHE A 200 -1.80 -11.38 39.95
C PHE A 200 -1.95 -9.86 40.07
N ASN A 201 -3.06 -9.41 40.64
CA ASN A 201 -3.33 -7.98 40.72
C ASN A 201 -2.21 -7.26 41.45
N ALA A 202 -1.83 -7.75 42.63
CA ALA A 202 -0.83 -7.06 43.44
C ALA A 202 0.53 -7.00 42.74
N ILE A 203 0.90 -8.08 42.05
CA ILE A 203 2.21 -8.11 41.42
C ILE A 203 2.23 -7.28 40.15
N LEU A 204 1.19 -7.40 39.31
CA LEU A 204 1.20 -6.72 38.02
C LEU A 204 0.95 -5.23 38.17
N CYS A 205 0.26 -4.81 39.23
CA CYS A 205 -0.10 -3.40 39.38
C CYS A 205 0.89 -2.62 40.22
N SER A 206 1.49 -3.23 41.24
CA SER A 206 2.35 -2.50 42.16
C SER A 206 3.83 -2.57 41.78
N ARG A 207 4.26 -3.66 41.16
CA ARG A 207 5.68 -3.83 40.86
C ARG A 207 6.11 -2.87 39.75
N SER A 208 7.41 -2.57 39.73
CA SER A 208 7.96 -1.65 38.75
C SER A 208 8.01 -2.29 37.38
N ARG A 209 8.12 -1.44 36.35
CA ARG A 209 8.15 -1.95 34.97
C ARG A 209 9.43 -2.75 34.73
N ALA A 210 10.58 -2.21 35.15
CA ALA A 210 11.83 -2.96 35.00
C ALA A 210 11.79 -4.28 35.75
N HIS A 211 11.05 -4.33 36.86
CA HIS A 211 10.93 -5.58 37.61
C HIS A 211 10.02 -6.57 36.88
N LEU A 212 8.87 -6.10 36.41
CA LEU A 212 7.91 -7.00 35.78
C LEU A 212 8.41 -7.52 34.44
N VAL A 213 9.18 -6.72 33.70
CA VAL A 213 9.80 -7.22 32.47
C VAL A 213 10.71 -8.39 32.78
N ALA A 214 11.49 -8.30 33.86
CA ALA A 214 12.33 -9.42 34.26
C ALA A 214 11.50 -10.61 34.70
N VAL A 215 10.36 -10.38 35.34
CA VAL A 215 9.49 -11.46 35.75
C VAL A 215 8.98 -12.22 34.54
N PHE A 216 8.52 -11.49 33.53
CA PHE A 216 7.98 -12.14 32.33
C PHE A 216 9.03 -13.01 31.66
N ASN A 217 10.28 -12.53 31.61
CA ASN A 217 11.34 -13.33 31.01
C ASN A 217 11.70 -14.52 31.88
N GLU A 218 11.73 -14.33 33.21
CA GLU A 218 12.04 -15.44 34.10
C GLU A 218 10.88 -16.44 34.15
N TYR A 219 9.65 -15.95 34.13
CA TYR A 219 8.50 -16.85 34.12
C TYR A 219 8.51 -17.74 32.88
N GLN A 220 8.87 -17.16 31.72
CA GLN A 220 8.96 -17.95 30.50
C GLN A 220 10.07 -19.00 30.60
N ARG A 221 11.20 -18.62 31.20
CA ARG A 221 12.33 -19.54 31.27
C ARG A 221 11.97 -20.76 32.12
N MET A 222 11.34 -20.54 33.27
CA MET A 222 11.11 -21.64 34.21
C MET A 222 9.96 -22.54 33.76
N THR A 223 8.83 -21.95 33.38
CA THR A 223 7.67 -22.74 32.99
C THR A 223 7.65 -23.09 31.51
N GLY A 224 8.48 -22.45 30.69
CA GLY A 224 8.45 -22.65 29.27
C GLY A 224 7.26 -22.03 28.56
N ARG A 225 6.42 -21.28 29.28
CA ARG A 225 5.21 -20.69 28.74
C ARG A 225 5.21 -19.20 29.08
N ASP A 226 4.66 -18.40 28.17
CA ASP A 226 4.59 -16.96 28.39
C ASP A 226 3.49 -16.61 29.36
N ILE A 227 3.73 -15.59 30.17
CA ILE A 227 2.77 -15.19 31.21
C ILE A 227 1.40 -14.92 30.61
N GLU A 228 1.35 -14.42 29.38
CA GLU A 228 0.08 -14.09 28.76
C GLU A 228 -0.80 -15.32 28.54
N LYS A 229 -0.17 -16.47 28.26
CA LYS A 229 -0.96 -17.68 28.06
C LYS A 229 -1.53 -18.19 29.39
N SER A 230 -0.75 -18.12 30.46
CA SER A 230 -1.29 -18.47 31.78
C SER A 230 -2.49 -17.59 32.11
N ILE A 231 -2.41 -16.30 31.80
CA ILE A 231 -3.54 -15.40 32.05
C ILE A 231 -4.75 -15.84 31.24
N CYS A 232 -4.56 -16.12 29.96
CA CYS A 232 -5.66 -16.59 29.13
C CYS A 232 -6.21 -17.92 29.63
N ARG A 233 -5.35 -18.78 30.17
CA ARG A 233 -5.80 -20.06 30.68
C ARG A 233 -6.55 -19.89 32.00
N GLU A 234 -6.08 -18.98 32.86
CA GLU A 234 -6.64 -18.85 34.20
C GLU A 234 -7.85 -17.93 34.26
N MET A 235 -7.91 -16.91 33.41
CA MET A 235 -8.93 -15.88 33.53
C MET A 235 -9.75 -15.77 32.25
N SER A 236 -10.94 -15.21 32.40
CA SER A 236 -11.86 -14.98 31.30
C SER A 236 -12.52 -13.63 31.49
N GLY A 237 -13.20 -13.17 30.45
CA GLY A 237 -13.95 -11.93 30.55
C GLY A 237 -13.05 -10.71 30.68
N ASP A 238 -13.64 -9.64 31.19
CA ASP A 238 -12.94 -8.35 31.24
C ASP A 238 -11.67 -8.45 32.08
N LEU A 239 -11.71 -9.23 33.17
CA LEU A 239 -10.51 -9.42 33.97
C LEU A 239 -9.35 -9.93 33.11
N GLU A 240 -9.65 -10.84 32.17
CA GLU A 240 -8.62 -11.35 31.28
C GLU A 240 -8.07 -10.25 30.39
N GLN A 241 -8.98 -9.55 29.69
CA GLN A 241 -8.53 -8.44 28.82
C GLN A 241 -7.77 -7.39 29.62
N GLY A 242 -8.16 -7.17 30.87
CA GLY A 242 -7.45 -6.19 31.68
C GLY A 242 -6.02 -6.59 31.96
N MET A 243 -5.84 -7.83 32.46
CA MET A 243 -4.50 -8.30 32.78
C MET A 243 -3.60 -8.26 31.54
N LEU A 244 -4.10 -8.79 30.42
CA LEU A 244 -3.30 -8.80 29.20
C LEU A 244 -2.92 -7.38 28.78
N ALA A 245 -3.87 -6.46 28.81
CA ALA A 245 -3.55 -5.07 28.48
C ALA A 245 -2.42 -4.54 29.35
N VAL A 246 -2.47 -4.84 30.65
CA VAL A 246 -1.41 -4.38 31.56
C VAL A 246 -0.07 -5.00 31.15
N VAL A 247 -0.03 -6.32 31.02
CA VAL A 247 1.20 -7.00 30.62
C VAL A 247 1.69 -6.46 29.29
N LYS A 248 0.80 -6.36 28.31
CA LYS A 248 1.20 -5.87 26.99
C LYS A 248 1.80 -4.47 27.08
N CYS A 249 1.16 -3.58 27.84
CA CYS A 249 1.68 -2.22 27.96
C CYS A 249 3.02 -2.21 28.69
N LEU A 250 3.17 -3.05 29.71
CA LEU A 250 4.47 -3.16 30.38
C LEU A 250 5.54 -3.63 29.41
N LYS A 251 5.21 -4.60 28.56
CA LYS A 251 6.17 -5.07 27.56
C LYS A 251 6.42 -4.01 26.50
N ASN A 252 5.38 -3.66 25.74
CA ASN A 252 5.53 -2.81 24.55
C ASN A 252 4.24 -2.03 24.36
N THR A 253 4.18 -0.84 24.98
CA THR A 253 3.00 -0.01 24.86
C THR A 253 2.70 0.34 23.41
N PRO A 254 3.66 0.78 22.59
CA PRO A 254 3.36 0.98 21.16
C PRO A 254 2.72 -0.23 20.50
N ALA A 255 3.29 -1.42 20.70
CA ALA A 255 2.73 -2.62 20.08
C ALA A 255 1.31 -2.89 20.58
N PHE A 256 1.02 -2.56 21.84
CA PHE A 256 -0.33 -2.76 22.36
C PHE A 256 -1.32 -1.89 21.60
N PHE A 257 -1.03 -0.59 21.48
CA PHE A 257 -1.94 0.31 20.78
C PHE A 257 -2.07 -0.08 19.31
N ALA A 258 -0.97 -0.46 18.67
CA ALA A 258 -1.03 -0.89 17.29
C ALA A 258 -2.04 -2.02 17.12
N GLU A 259 -2.07 -2.95 18.07
CA GLU A 259 -3.02 -4.05 18.00
C GLU A 259 -4.46 -3.57 18.19
N ARG A 260 -4.68 -2.67 19.15
CA ARG A 260 -6.03 -2.15 19.35
C ARG A 260 -6.51 -1.38 18.14
N LEU A 261 -5.61 -0.62 17.50
CA LEU A 261 -5.96 0.05 16.24
C LEU A 261 -6.36 -0.98 15.19
N ASN A 262 -5.54 -2.01 15.01
CA ASN A 262 -5.83 -3.03 14.00
C ASN A 262 -7.18 -3.69 14.26
N LYS A 263 -7.50 -3.99 15.51
CA LYS A 263 -8.77 -4.62 15.82
C LYS A 263 -9.93 -3.65 15.64
N ALA A 264 -9.69 -2.35 15.79
CA ALA A 264 -10.75 -1.38 15.59
C ALA A 264 -11.16 -1.25 14.12
N MET A 265 -10.27 -1.59 13.19
CA MET A 265 -10.53 -1.42 11.76
C MET A 265 -10.89 -2.71 11.04
N ARG A 266 -10.44 -3.86 11.53
CA ARG A 266 -10.70 -5.10 10.79
C ARG A 266 -12.16 -5.50 10.93
N GLY A 267 -12.71 -6.02 9.83
CA GLY A 267 -14.14 -6.18 9.67
C GLY A 267 -14.70 -5.17 8.68
N ALA A 268 -15.99 -5.32 8.40
CA ALA A 268 -16.67 -4.36 7.52
C ALA A 268 -16.95 -3.04 8.23
N GLY A 269 -17.19 -3.08 9.54
CA GLY A 269 -17.42 -1.90 10.33
C GLY A 269 -16.13 -1.33 10.90
N THR A 270 -16.28 -0.30 11.74
CA THR A 270 -15.14 0.36 12.34
C THR A 270 -15.52 0.84 13.73
N LYS A 271 -14.62 0.61 14.69
CA LYS A 271 -14.74 1.15 16.05
C LYS A 271 -14.20 2.58 16.03
N ASP A 272 -15.08 3.54 15.77
CA ASP A 272 -14.63 4.91 15.56
C ASP A 272 -14.18 5.56 16.86
N ARG A 273 -14.89 5.29 17.96
CA ARG A 273 -14.48 5.83 19.25
C ARG A 273 -13.05 5.42 19.57
N THR A 274 -12.73 4.14 19.40
CA THR A 274 -11.37 3.66 19.68
C THR A 274 -10.38 4.30 18.71
N LEU A 275 -10.69 4.25 17.41
CA LEU A 275 -9.79 4.80 16.41
C LEU A 275 -9.47 6.26 16.69
N ILE A 276 -10.50 7.06 17.02
CA ILE A 276 -10.27 8.46 17.33
C ILE A 276 -9.44 8.58 18.60
N ARG A 277 -9.81 7.85 19.65
CA ARG A 277 -9.14 8.02 20.94
C ARG A 277 -7.65 7.72 20.83
N ILE A 278 -7.28 6.62 20.19
CA ILE A 278 -5.88 6.21 20.15
C ILE A 278 -5.05 7.21 19.36
N MET A 279 -5.50 7.53 18.13
CA MET A 279 -4.75 8.47 17.30
C MET A 279 -4.58 9.80 18.01
N VAL A 280 -5.65 10.33 18.59
CA VAL A 280 -5.57 11.62 19.27
C VAL A 280 -4.71 11.50 20.53
N SER A 281 -4.99 10.49 21.37
CA SER A 281 -4.40 10.44 22.70
C SER A 281 -2.91 10.13 22.69
N ARG A 282 -2.41 9.47 21.64
CA ARG A 282 -1.00 9.11 21.56
C ARG A 282 -0.23 9.94 20.55
N SER A 283 -0.88 10.93 19.91
CA SER A 283 -0.24 11.68 18.83
C SER A 283 1.01 12.42 19.32
N GLU A 284 1.04 12.86 20.57
CA GLU A 284 2.16 13.59 21.12
C GLU A 284 2.99 12.77 22.08
N LEU A 285 2.78 11.45 22.13
CA LEU A 285 3.54 10.58 23.03
C LEU A 285 4.36 9.56 22.26
N ASP A 286 3.71 8.60 21.58
CA ASP A 286 4.45 7.50 20.95
C ASP A 286 3.77 7.01 19.68
N LEU A 287 3.03 7.88 18.97
CA LEU A 287 2.35 7.43 17.77
C LEU A 287 3.33 7.04 16.67
N LEU A 288 4.53 7.62 16.67
CA LEU A 288 5.56 7.16 15.74
C LEU A 288 5.88 5.69 16.00
N ASP A 289 6.10 5.33 17.27
CA ASP A 289 6.41 3.95 17.60
C ASP A 289 5.24 3.03 17.27
N ILE A 290 4.01 3.47 17.54
CA ILE A 290 2.84 2.70 17.15
C ILE A 290 2.90 2.39 15.65
N ARG A 291 3.10 3.43 14.83
CA ARG A 291 3.15 3.24 13.39
C ARG A 291 4.17 2.18 13.01
N ALA A 292 5.38 2.29 13.57
CA ALA A 292 6.41 1.29 13.28
C ALA A 292 5.98 -0.09 13.72
N GLU A 293 5.47 -0.21 14.95
CA GLU A 293 4.97 -1.50 15.41
C GLU A 293 3.86 -2.02 14.52
N TYR A 294 3.02 -1.11 14.01
CA TYR A 294 1.91 -1.56 13.16
C TYR A 294 2.41 -2.18 11.87
N LYS A 295 3.47 -1.61 11.30
CA LYS A 295 4.01 -2.15 10.05
C LYS A 295 4.65 -3.51 10.26
N ARG A 296 5.41 -3.66 11.35
CA ARG A 296 6.11 -4.92 11.61
C ARG A 296 5.13 -6.06 11.88
N MET A 297 4.00 -5.77 12.52
CA MET A 297 3.09 -6.82 12.97
C MET A 297 2.08 -7.23 11.91
N TYR A 298 1.66 -6.30 11.05
CA TYR A 298 0.61 -6.61 10.07
C TYR A 298 1.07 -6.43 8.63
N GLY A 299 2.28 -5.95 8.39
CA GLY A 299 2.77 -5.81 7.02
C GLY A 299 2.35 -4.54 6.32
N LYS A 300 1.06 -4.20 6.37
CA LYS A 300 0.60 -2.94 5.82
C LYS A 300 0.76 -1.82 6.86
N SER A 301 0.95 -0.61 6.37
CA SER A 301 1.17 0.53 7.25
C SER A 301 -0.14 0.96 7.90
N LEU A 302 -0.02 1.56 9.08
CA LEU A 302 -1.18 2.15 9.74
C LEU A 302 -1.87 3.15 8.81
N TYR A 303 -1.08 4.01 8.15
CA TYR A 303 -1.63 4.92 7.17
C TYR A 303 -2.50 4.19 6.16
N HIS A 304 -2.00 3.07 5.63
CA HIS A 304 -2.73 2.34 4.60
C HIS A 304 -4.10 1.89 5.10
N ASP A 305 -4.14 1.22 6.25
CA ASP A 305 -5.39 0.66 6.74
C ASP A 305 -6.41 1.76 7.06
N ILE A 306 -5.95 2.97 7.38
CA ILE A 306 -6.88 4.06 7.65
C ILE A 306 -7.60 4.49 6.39
N THR A 307 -6.85 4.63 5.29
CA THR A 307 -7.47 5.07 4.03
C THR A 307 -8.55 4.09 3.58
N GLY A 308 -8.38 2.80 3.88
CA GLY A 308 -9.35 1.81 3.44
C GLY A 308 -10.56 1.67 4.31
N ASP A 309 -10.50 2.13 5.56
CA ASP A 309 -11.60 1.99 6.50
C ASP A 309 -12.35 3.28 6.77
N THR A 310 -11.83 4.43 6.33
CA THR A 310 -12.47 5.71 6.54
C THR A 310 -12.44 6.51 5.24
N SER A 311 -13.16 7.63 5.24
CA SER A 311 -13.29 8.44 4.04
C SER A 311 -13.65 9.86 4.43
N GLY A 312 -13.61 10.76 3.45
CA GLY A 312 -14.02 12.14 3.66
C GLY A 312 -13.05 12.90 4.54
N ASP A 313 -13.56 14.00 5.11
CA ASP A 313 -12.74 14.81 6.01
C ASP A 313 -12.34 14.03 7.25
N TYR A 314 -13.19 13.11 7.70
CA TYR A 314 -12.85 12.25 8.82
C TYR A 314 -11.52 11.53 8.57
N ARG A 315 -11.39 10.91 7.39
CA ARG A 315 -10.14 10.24 7.07
C ARG A 315 -8.99 11.23 6.97
N LYS A 316 -9.24 12.40 6.39
CA LYS A 316 -8.17 13.37 6.18
C LYS A 316 -7.52 13.76 7.49
N ILE A 317 -8.33 14.11 8.49
CA ILE A 317 -7.75 14.55 9.76
C ILE A 317 -7.01 13.39 10.44
N LEU A 318 -7.59 12.18 10.38
CA LEU A 318 -6.91 11.01 10.93
C LEU A 318 -5.53 10.83 10.28
N LEU A 319 -5.48 10.87 8.95
CA LEU A 319 -4.21 10.75 8.26
C LEU A 319 -3.29 11.92 8.58
N LYS A 320 -3.85 13.12 8.71
CA LYS A 320 -3.05 14.26 9.13
C LYS A 320 -2.38 13.99 10.46
N ILE A 321 -3.09 13.34 11.39
CA ILE A 321 -2.49 12.97 12.67
C ILE A 321 -1.43 11.91 12.48
N CYS A 322 -1.70 10.93 11.62
CA CYS A 322 -0.72 9.86 11.38
C CYS A 322 0.59 10.44 10.85
N GLY A 323 0.52 11.27 9.81
CA GLY A 323 1.72 11.88 9.28
C GLY A 323 2.30 12.95 10.19
N GLY A 324 1.43 13.78 10.77
CA GLY A 324 1.86 14.76 11.75
C GLY A 324 2.32 16.07 11.16
N ASN A 325 3.63 16.29 11.15
CA ASN A 325 4.19 17.55 10.69
C ASN A 325 5.32 17.30 9.69
N ARG B 12 25.22 17.64 -12.98
CA ARG B 12 24.50 17.19 -11.81
C ARG B 12 23.34 16.27 -12.17
N GLY B 13 23.39 15.73 -13.39
CA GLY B 13 22.44 14.70 -13.78
C GLY B 13 22.96 13.31 -13.43
N THR B 14 22.05 12.34 -13.47
CA THR B 14 22.39 10.95 -13.17
C THR B 14 22.66 10.12 -14.41
N ILE B 15 22.17 10.55 -15.57
CA ILE B 15 22.36 9.84 -16.83
C ILE B 15 23.29 10.67 -17.70
N THR B 16 24.39 10.06 -18.12
CA THR B 16 25.34 10.67 -19.04
C THR B 16 25.50 9.76 -20.26
N ASP B 17 26.19 10.28 -21.28
CA ASP B 17 26.37 9.50 -22.49
C ASP B 17 27.12 8.20 -22.20
N ALA B 18 26.55 7.08 -22.60
CA ALA B 18 27.27 5.82 -22.53
C ALA B 18 28.54 5.92 -23.37
N SER B 19 29.53 5.10 -23.03
CA SER B 19 30.82 5.16 -23.70
C SER B 19 30.77 4.48 -25.06
N GLY B 20 31.22 3.23 -25.14
CA GLY B 20 31.23 2.51 -26.40
C GLY B 20 29.85 2.40 -27.01
N PHE B 21 29.41 3.46 -27.70
CA PHE B 21 28.03 3.57 -28.17
C PHE B 21 27.93 3.13 -29.63
N ASP B 22 26.96 2.26 -29.91
CA ASP B 22 26.65 1.82 -31.27
C ASP B 22 25.13 1.72 -31.37
N PRO B 23 24.46 2.73 -31.91
CA PRO B 23 22.99 2.73 -31.85
C PRO B 23 22.34 1.60 -32.63
N LEU B 24 23.00 1.07 -33.66
CA LEU B 24 22.41 -0.03 -34.41
C LEU B 24 22.42 -1.31 -33.58
N ARG B 25 23.54 -1.61 -32.91
CA ARG B 25 23.56 -2.73 -31.98
C ARG B 25 22.46 -2.58 -30.94
N ASP B 26 22.29 -1.36 -30.41
CA ASP B 26 21.25 -1.13 -29.41
C ASP B 26 19.86 -1.30 -30.02
N ALA B 27 19.68 -0.91 -31.29
CA ALA B 27 18.40 -1.12 -31.95
C ALA B 27 18.11 -2.60 -32.11
N GLU B 28 19.15 -3.40 -32.36
CA GLU B 28 18.98 -4.85 -32.41
C GLU B 28 18.51 -5.39 -31.06
N VAL B 29 19.07 -4.86 -29.98
CA VAL B 29 18.68 -5.30 -28.64
C VAL B 29 17.19 -5.07 -28.41
N LEU B 30 16.73 -3.85 -28.66
CA LEU B 30 15.31 -3.54 -28.49
C LEU B 30 14.46 -4.32 -29.48
N ARG B 31 14.98 -4.57 -30.68
CA ARG B 31 14.25 -5.39 -31.64
C ARG B 31 14.02 -6.80 -31.10
N LYS B 32 15.09 -7.44 -30.64
CA LYS B 32 14.98 -8.81 -30.13
C LYS B 32 14.20 -8.86 -28.82
N ALA B 33 14.33 -7.84 -27.98
CA ALA B 33 13.59 -7.81 -26.72
C ALA B 33 12.08 -7.77 -26.96
N MET B 34 11.64 -7.28 -28.12
CA MET B 34 10.22 -7.20 -28.43
C MET B 34 9.75 -8.24 -29.43
N LYS B 35 10.65 -8.78 -30.26
CA LYS B 35 10.24 -9.73 -31.27
C LYS B 35 9.67 -10.98 -30.60
N GLY B 36 8.57 -11.48 -31.16
CA GLY B 36 7.90 -12.64 -30.61
C GLY B 36 6.83 -12.25 -29.63
N PHE B 37 6.23 -13.27 -29.01
CA PHE B 37 5.28 -13.04 -27.94
C PHE B 37 6.03 -12.56 -26.69
N GLY B 38 5.30 -11.88 -25.81
CA GLY B 38 5.88 -11.43 -24.56
C GLY B 38 7.05 -10.49 -24.74
N THR B 39 7.55 -9.93 -23.65
CA THR B 39 8.59 -8.91 -23.70
C THR B 39 9.72 -9.23 -22.73
N ASP B 40 10.90 -8.72 -23.05
CA ASP B 40 12.06 -8.78 -22.17
C ASP B 40 12.31 -7.36 -21.66
N GLU B 41 11.51 -6.96 -20.67
CA GLU B 41 11.55 -5.59 -20.19
C GLU B 41 12.93 -5.23 -19.63
N GLN B 42 13.66 -6.20 -19.08
CA GLN B 42 14.94 -5.88 -18.47
C GLN B 42 15.96 -5.43 -19.52
N ALA B 43 15.93 -6.02 -20.71
CA ALA B 43 16.83 -5.58 -21.76
C ALA B 43 16.51 -4.16 -22.20
N ILE B 44 15.22 -3.81 -22.21
CA ILE B 44 14.83 -2.42 -22.50
C ILE B 44 15.37 -1.49 -21.42
N ILE B 45 15.25 -1.89 -20.16
CA ILE B 45 15.70 -1.05 -19.06
C ILE B 45 17.22 -0.92 -19.08
N ASP B 46 17.92 -2.04 -19.25
CA ASP B 46 19.38 -1.99 -19.27
C ASP B 46 19.90 -1.16 -20.43
N CYS B 47 19.18 -1.12 -21.54
CA CYS B 47 19.62 -0.37 -22.72
C CYS B 47 19.19 1.09 -22.63
N LEU B 48 17.89 1.34 -22.73
CA LEU B 48 17.41 2.72 -22.79
C LEU B 48 17.74 3.49 -21.52
N GLY B 49 17.61 2.84 -20.37
CA GLY B 49 17.91 3.50 -19.11
C GLY B 49 19.36 3.88 -18.93
N SER B 50 20.26 3.34 -19.76
CA SER B 50 21.69 3.59 -19.63
C SER B 50 22.22 4.43 -20.78
N ARG B 51 21.34 5.12 -21.51
CA ARG B 51 21.72 5.97 -22.63
C ARG B 51 21.14 7.36 -22.42
N SER B 52 21.93 8.38 -22.78
CA SER B 52 21.42 9.74 -22.73
C SER B 52 20.29 9.90 -23.75
N ASN B 53 19.55 11.01 -23.62
CA ASN B 53 18.40 11.22 -24.49
C ASN B 53 18.81 11.32 -25.95
N LYS B 54 19.91 12.01 -26.26
CA LYS B 54 20.33 12.12 -27.65
C LYS B 54 20.76 10.76 -28.20
N GLN B 55 21.34 9.90 -27.35
CA GLN B 55 21.65 8.55 -27.80
C GLN B 55 20.38 7.76 -28.07
N ARG B 56 19.31 8.02 -27.34
CA ARG B 56 18.04 7.35 -27.61
C ARG B 56 17.40 7.86 -28.89
N GLN B 57 17.75 9.06 -29.34
CA GLN B 57 17.25 9.55 -30.63
C GLN B 57 18.00 8.86 -31.78
N GLN B 58 19.30 8.64 -31.62
CA GLN B 58 20.05 7.91 -32.63
C GLN B 58 19.57 6.46 -32.70
N ILE B 59 19.40 5.82 -31.55
CA ILE B 59 18.84 4.46 -31.53
C ILE B 59 17.53 4.41 -32.29
N LEU B 60 16.69 5.44 -32.12
CA LEU B 60 15.40 5.45 -32.78
C LEU B 60 15.55 5.56 -34.29
N LEU B 61 16.55 6.32 -34.75
CA LEU B 61 16.79 6.44 -36.18
C LEU B 61 17.39 5.16 -36.75
N SER B 62 18.32 4.54 -36.01
CA SER B 62 18.88 3.27 -36.46
C SER B 62 17.81 2.19 -36.53
N PHE B 63 16.95 2.11 -35.50
CA PHE B 63 15.86 1.14 -35.51
C PHE B 63 14.98 1.31 -36.75
N LYS B 64 14.52 2.53 -37.00
CA LYS B 64 13.66 2.78 -38.15
C LYS B 64 14.37 2.46 -39.45
N THR B 65 15.65 2.82 -39.56
CA THR B 65 16.41 2.54 -40.77
C THR B 65 16.54 1.04 -41.00
N ALA B 66 16.89 0.30 -39.95
CA ALA B 66 17.18 -1.13 -40.11
C ALA B 66 15.91 -1.92 -40.39
N TYR B 67 14.82 -1.63 -39.67
CA TYR B 67 13.64 -2.47 -39.70
C TYR B 67 12.41 -1.81 -40.28
N GLY B 68 12.51 -0.55 -40.72
CA GLY B 68 11.35 0.12 -41.29
C GLY B 68 10.15 0.15 -40.37
N LYS B 69 10.37 0.18 -39.07
CA LYS B 69 9.31 0.26 -38.08
C LYS B 69 9.55 1.48 -37.19
N ASP B 70 8.47 1.99 -36.61
CA ASP B 70 8.57 3.10 -35.66
C ASP B 70 8.77 2.51 -34.28
N LEU B 71 9.95 2.76 -33.69
CA LEU B 71 10.28 2.18 -32.39
C LEU B 71 9.31 2.63 -31.31
N ILE B 72 8.84 3.87 -31.37
CA ILE B 72 7.92 4.37 -30.36
C ILE B 72 6.58 3.67 -30.47
N LYS B 73 6.11 3.44 -31.70
CA LYS B 73 4.87 2.69 -31.88
C LYS B 73 4.99 1.27 -31.36
N ASP B 74 6.18 0.67 -31.48
CA ASP B 74 6.36 -0.70 -31.04
C ASP B 74 6.44 -0.79 -29.52
N LEU B 75 7.24 0.07 -28.90
CA LEU B 75 7.27 0.11 -27.44
C LEU B 75 5.89 0.39 -26.87
N LYS B 76 5.14 1.28 -27.52
CA LYS B 76 3.81 1.63 -27.02
C LYS B 76 2.90 0.41 -26.99
N SER B 77 2.95 -0.42 -28.04
CA SER B 77 2.06 -1.57 -28.11
C SER B 77 2.57 -2.75 -27.30
N GLU B 78 3.89 -2.85 -27.11
CA GLU B 78 4.45 -3.99 -26.41
C GLU B 78 4.36 -3.84 -24.90
N LEU B 79 4.38 -2.61 -24.39
CA LEU B 79 4.37 -2.35 -22.96
C LEU B 79 2.99 -1.85 -22.54
N SER B 80 2.84 -1.60 -21.24
CA SER B 80 1.59 -1.09 -20.70
C SER B 80 1.84 -0.49 -19.33
N GLY B 81 0.82 0.14 -18.77
CA GLY B 81 0.90 0.70 -17.45
C GLY B 81 1.91 1.84 -17.35
N ASN B 82 2.28 2.16 -16.11
CA ASN B 82 3.24 3.22 -15.85
C ASN B 82 4.65 2.89 -16.33
N PHE B 83 4.92 1.61 -16.65
CA PHE B 83 6.20 1.29 -17.29
C PHE B 83 6.19 1.76 -18.74
N GLU B 84 5.06 1.64 -19.43
CA GLU B 84 4.95 2.22 -20.76
C GLU B 84 5.17 3.72 -20.71
N LYS B 85 4.52 4.40 -19.76
CA LYS B 85 4.62 5.85 -19.68
C LYS B 85 6.07 6.28 -19.43
N THR B 86 6.75 5.59 -18.52
CA THR B 86 8.13 5.96 -18.20
C THR B 86 9.03 5.81 -19.42
N ILE B 87 8.87 4.70 -20.16
CA ILE B 87 9.72 4.45 -21.32
C ILE B 87 9.41 5.45 -22.42
N LEU B 88 8.13 5.62 -22.74
CA LEU B 88 7.75 6.60 -23.75
C LEU B 88 8.26 7.99 -23.38
N ALA B 89 8.16 8.34 -22.09
CA ALA B 89 8.63 9.65 -21.64
C ALA B 89 10.13 9.81 -21.85
N LEU B 90 10.89 8.72 -21.71
CA LEU B 90 12.33 8.80 -21.90
C LEU B 90 12.71 8.96 -23.37
N MET B 91 11.85 8.50 -24.28
CA MET B 91 12.18 8.55 -25.70
C MET B 91 11.87 9.89 -26.33
N LYS B 92 11.03 10.71 -25.70
CA LYS B 92 10.81 12.07 -26.15
C LYS B 92 11.99 12.94 -25.75
N THR B 93 12.27 13.95 -26.57
CA THR B 93 13.29 14.92 -26.22
C THR B 93 12.80 15.78 -25.05
N PRO B 94 13.71 16.45 -24.34
CA PRO B 94 13.29 17.31 -23.23
C PRO B 94 12.22 18.32 -23.60
N VAL B 95 12.33 18.95 -24.77
CA VAL B 95 11.37 19.98 -25.15
C VAL B 95 10.02 19.35 -25.50
N LEU B 96 10.04 18.23 -26.23
CA LEU B 96 8.79 17.62 -26.66
C LEU B 96 8.09 16.90 -25.50
N PHE B 97 8.85 16.37 -24.54
CA PHE B 97 8.23 15.85 -23.32
C PHE B 97 7.52 16.96 -22.56
N ASP B 98 8.18 18.11 -22.41
CA ASP B 98 7.55 19.25 -21.77
C ASP B 98 6.28 19.66 -22.51
N VAL B 99 6.32 19.64 -23.84
CA VAL B 99 5.21 20.14 -24.65
C VAL B 99 4.02 19.19 -24.57
N TYR B 100 4.28 17.88 -24.58
CA TYR B 100 3.18 16.93 -24.47
C TYR B 100 2.66 16.84 -23.04
N GLU B 101 3.50 17.10 -22.04
CA GLU B 101 3.01 17.18 -20.67
C GLU B 101 2.08 18.38 -20.49
N ILE B 102 2.46 19.53 -21.05
CA ILE B 102 1.57 20.70 -21.00
C ILE B 102 0.26 20.37 -21.68
N LYS B 103 0.32 19.71 -22.84
CA LYS B 103 -0.91 19.37 -23.56
C LYS B 103 -1.78 18.42 -22.75
N GLU B 104 -1.16 17.39 -22.14
CA GLU B 104 -1.93 16.43 -21.36
C GLU B 104 -2.57 17.08 -20.14
N ALA B 105 -1.90 18.06 -19.53
CA ALA B 105 -2.48 18.73 -18.38
C ALA B 105 -3.72 19.51 -18.76
N ILE B 106 -3.79 20.02 -19.99
CA ILE B 106 -4.91 20.84 -20.44
C ILE B 106 -5.93 20.04 -21.25
N LYS B 107 -5.59 18.83 -21.67
CA LYS B 107 -6.45 18.07 -22.57
C LYS B 107 -7.77 17.71 -21.89
N GLY B 108 -8.81 17.59 -22.71
CA GLY B 108 -10.09 17.11 -22.23
C GLY B 108 -10.69 18.04 -21.18
N ALA B 109 -10.94 17.49 -20.00
CA ALA B 109 -11.58 18.22 -18.91
C ALA B 109 -10.65 18.23 -17.71
N GLY B 110 -10.74 19.32 -16.94
CA GLY B 110 -9.87 19.51 -15.80
C GLY B 110 -8.51 20.05 -16.21
N THR B 111 -7.74 20.45 -15.20
CA THR B 111 -6.41 21.02 -15.41
C THR B 111 -5.47 20.50 -14.34
N ASP B 112 -4.30 20.01 -14.78
CA ASP B 112 -3.24 19.62 -13.86
C ASP B 112 -2.37 20.84 -13.63
N GLU B 113 -2.88 21.75 -12.80
CA GLU B 113 -2.19 23.02 -12.58
C GLU B 113 -0.80 22.80 -12.00
N ALA B 114 -0.62 21.73 -11.23
CA ALA B 114 0.70 21.45 -10.67
C ALA B 114 1.73 21.19 -11.77
N CYS B 115 1.33 20.45 -12.81
CA CYS B 115 2.23 20.21 -13.94
C CYS B 115 2.56 21.51 -14.67
N LEU B 116 1.53 22.31 -14.97
CA LEU B 116 1.76 23.62 -15.57
C LEU B 116 2.74 24.43 -14.72
N ILE B 117 2.56 24.41 -13.39
CA ILE B 117 3.39 25.20 -12.50
C ILE B 117 4.79 24.62 -12.41
N GLU B 118 4.90 23.29 -12.36
CA GLU B 118 6.20 22.66 -12.20
C GLU B 118 7.12 22.97 -13.38
N ILE B 119 6.56 23.03 -14.59
CA ILE B 119 7.37 23.24 -15.78
C ILE B 119 7.70 24.72 -15.94
N LEU B 120 6.68 25.57 -15.93
CA LEU B 120 6.91 26.99 -16.22
C LEU B 120 7.72 27.67 -15.13
N ALA B 121 7.67 27.15 -13.90
CA ALA B 121 8.39 27.79 -12.80
C ALA B 121 9.84 27.34 -12.71
N SER B 122 10.18 26.20 -13.29
CA SER B 122 11.51 25.62 -13.12
C SER B 122 12.42 25.77 -14.33
N ARG B 123 11.86 25.94 -15.53
CA ARG B 123 12.67 25.91 -16.74
C ARG B 123 13.31 27.28 -17.01
N SER B 124 14.48 27.24 -17.65
CA SER B 124 15.21 28.45 -17.98
C SER B 124 14.48 29.24 -19.06
N ASN B 125 15.00 30.46 -19.32
CA ASN B 125 14.50 31.26 -20.42
C ASN B 125 14.68 30.54 -21.75
N GLU B 126 15.89 30.02 -21.99
CA GLU B 126 16.20 29.40 -23.27
C GLU B 126 15.29 28.20 -23.55
N HIS B 127 14.99 27.41 -22.53
CA HIS B 127 14.16 26.23 -22.73
C HIS B 127 12.70 26.62 -22.96
N ILE B 128 12.22 27.64 -22.26
CA ILE B 128 10.82 28.03 -22.37
C ILE B 128 10.52 28.59 -23.76
N ARG B 129 11.44 29.37 -24.32
CA ARG B 129 11.24 29.86 -25.67
C ARG B 129 11.23 28.72 -26.68
N GLU B 130 11.99 27.66 -26.41
CA GLU B 130 11.90 26.46 -27.24
C GLU B 130 10.55 25.78 -27.08
N LEU B 131 10.01 25.76 -25.85
CA LEU B 131 8.66 25.22 -25.65
C LEU B 131 7.65 25.95 -26.52
N ASN B 132 7.71 27.28 -26.54
CA ASN B 132 6.76 28.06 -27.33
C ASN B 132 6.76 27.63 -28.79
N ARG B 133 7.95 27.55 -29.39
CA ARG B 133 8.05 27.12 -30.78
C ARG B 133 7.50 25.71 -30.96
N ALA B 134 7.98 24.77 -30.14
CA ALA B 134 7.60 23.38 -30.30
C ALA B 134 6.10 23.18 -30.09
N TYR B 135 5.53 23.81 -29.07
CA TYR B 135 4.09 23.72 -28.86
C TYR B 135 3.34 24.27 -30.07
N LYS B 136 3.86 25.34 -30.67
CA LYS B 136 3.22 25.94 -31.83
C LYS B 136 3.25 24.99 -33.03
N THR B 137 4.42 24.41 -33.31
CA THR B 137 4.54 23.54 -34.48
C THR B 137 3.75 22.25 -34.29
N GLU B 138 3.81 21.66 -33.10
CA GLU B 138 3.21 20.35 -32.88
C GLU B 138 1.70 20.41 -32.75
N PHE B 139 1.16 21.48 -32.19
CA PHE B 139 -0.27 21.61 -31.95
C PHE B 139 -0.84 22.77 -32.75
N LYS B 140 -2.17 22.81 -32.84
CA LYS B 140 -2.84 23.89 -33.55
C LYS B 140 -2.54 25.23 -32.91
N LYS B 141 -2.65 25.31 -31.59
CA LYS B 141 -2.62 26.58 -30.88
C LYS B 141 -1.20 26.95 -30.47
N THR B 142 -1.04 28.20 -30.05
CA THR B 142 0.16 28.63 -29.37
C THR B 142 0.12 28.18 -27.92
N LEU B 143 1.29 28.09 -27.30
CA LEU B 143 1.34 27.75 -25.88
C LEU B 143 0.50 28.72 -25.07
N GLU B 144 0.56 30.00 -25.42
CA GLU B 144 -0.20 31.01 -24.69
C GLU B 144 -1.70 30.82 -24.85
N GLU B 145 -2.15 30.54 -26.08
CA GLU B 145 -3.57 30.30 -26.29
C GLU B 145 -4.06 29.09 -25.50
N ALA B 146 -3.26 28.04 -25.44
CA ALA B 146 -3.62 26.87 -24.65
C ALA B 146 -3.75 27.23 -23.17
N ILE B 147 -2.84 28.07 -22.67
CA ILE B 147 -2.90 28.51 -21.28
C ILE B 147 -4.19 29.27 -21.02
N ARG B 148 -4.50 30.24 -21.87
CA ARG B 148 -5.69 31.07 -21.65
C ARG B 148 -6.97 30.23 -21.61
N SER B 149 -7.00 29.10 -22.32
CA SER B 149 -8.24 28.36 -22.47
C SER B 149 -8.64 27.62 -21.20
N ASP B 150 -7.66 27.25 -20.37
CA ASP B 150 -7.93 26.43 -19.19
C ASP B 150 -7.52 27.09 -17.88
N THR B 151 -7.11 28.35 -17.91
CA THR B 151 -6.80 29.11 -16.70
C THR B 151 -7.50 30.46 -16.78
N SER B 152 -7.54 31.15 -15.65
CA SER B 152 -8.20 32.45 -15.56
C SER B 152 -7.67 33.18 -14.33
N GLY B 153 -7.97 34.48 -14.28
CA GLY B 153 -7.57 35.29 -13.15
C GLY B 153 -6.06 35.51 -13.10
N HIS B 154 -5.60 35.85 -11.90
CA HIS B 154 -4.18 36.14 -11.71
C HIS B 154 -3.32 34.91 -11.92
N PHE B 155 -3.87 33.71 -11.78
CA PHE B 155 -3.09 32.50 -12.05
C PHE B 155 -2.80 32.37 -13.54
N GLN B 156 -3.78 32.72 -14.39
CA GLN B 156 -3.52 32.76 -15.82
C GLN B 156 -2.41 33.76 -16.14
N ARG B 157 -2.42 34.91 -15.48
CA ARG B 157 -1.38 35.90 -15.71
C ARG B 157 -0.01 35.37 -15.33
N LEU B 158 0.06 34.60 -14.23
CA LEU B 158 1.35 34.09 -13.78
C LEU B 158 1.92 33.09 -14.77
N LEU B 159 1.08 32.20 -15.30
CA LEU B 159 1.56 31.25 -16.31
C LEU B 159 1.95 31.98 -17.59
N ILE B 160 1.14 32.94 -18.03
CA ILE B 160 1.48 33.71 -19.22
C ILE B 160 2.80 34.44 -19.00
N SER B 161 3.02 34.97 -17.79
CA SER B 161 4.24 35.71 -17.52
C SER B 161 5.47 34.80 -17.62
N LEU B 162 5.39 33.61 -17.03
CA LEU B 162 6.51 32.69 -17.07
C LEU B 162 6.75 32.17 -18.48
N SER B 163 5.69 32.02 -19.27
CA SER B 163 5.82 31.46 -20.61
C SER B 163 6.54 32.39 -21.58
N GLN B 164 6.93 33.60 -21.16
CA GLN B 164 7.70 34.48 -22.03
C GLN B 164 9.19 34.14 -22.03
N GLY B 165 9.66 33.38 -21.05
CA GLY B 165 11.08 33.08 -20.98
C GLY B 165 11.95 34.31 -21.01
N ASN B 166 11.56 35.36 -20.27
CA ASN B 166 12.23 36.64 -20.33
C ASN B 166 12.64 37.12 -18.93
N ARG B 167 13.00 36.19 -18.04
CA ARG B 167 13.52 36.59 -16.75
C ARG B 167 14.87 37.27 -16.93
N ASP B 168 15.06 38.39 -16.24
CA ASP B 168 16.33 39.11 -16.30
C ASP B 168 17.49 38.16 -15.98
N GLU B 169 18.47 38.11 -16.89
CA GLU B 169 19.59 37.19 -16.74
C GLU B 169 20.82 37.86 -16.13
N SER B 170 20.65 39.01 -15.48
CA SER B 170 21.77 39.74 -14.92
C SER B 170 22.20 39.12 -13.59
N THR B 171 23.38 39.53 -13.13
CA THR B 171 23.90 39.11 -11.83
C THR B 171 24.21 40.30 -10.93
N ASN B 172 24.05 41.53 -11.41
CA ASN B 172 24.33 42.70 -10.60
C ASN B 172 23.14 43.02 -9.70
N VAL B 173 23.44 43.39 -8.45
CA VAL B 173 22.43 43.65 -7.44
C VAL B 173 22.44 45.14 -7.13
N ASP B 174 21.26 45.77 -7.20
CA ASP B 174 21.09 47.19 -6.91
C ASP B 174 20.27 47.30 -5.63
N MET B 175 20.95 47.64 -4.53
CA MET B 175 20.28 47.63 -3.23
C MET B 175 19.09 48.59 -3.21
N SER B 176 19.21 49.74 -3.88
CA SER B 176 18.07 50.65 -3.97
C SER B 176 16.87 49.96 -4.60
N LEU B 177 17.11 49.06 -5.54
CA LEU B 177 16.01 48.30 -6.15
C LEU B 177 15.60 47.12 -5.27
N VAL B 178 16.55 46.50 -4.57
CA VAL B 178 16.21 45.44 -3.62
C VAL B 178 15.27 45.99 -2.55
N GLN B 179 15.68 47.09 -1.90
CA GLN B 179 14.82 47.69 -0.87
C GLN B 179 13.47 48.09 -1.43
N ARG B 180 13.47 48.71 -2.61
CA ARG B 180 12.21 49.10 -3.24
C ARG B 180 11.32 47.88 -3.48
N ASP B 181 11.91 46.78 -3.95
CA ASP B 181 11.13 45.56 -4.16
C ASP B 181 10.62 45.00 -2.84
N VAL B 182 11.46 45.04 -1.79
CA VAL B 182 11.02 44.57 -0.48
C VAL B 182 9.82 45.38 -0.01
N GLN B 183 9.91 46.70 -0.09
CA GLN B 183 8.81 47.54 0.39
C GLN B 183 7.55 47.32 -0.42
N GLU B 184 7.68 47.15 -1.74
CA GLU B 184 6.51 46.97 -2.58
C GLU B 184 5.86 45.61 -2.34
N LEU B 185 6.66 44.57 -2.09
CA LEU B 185 6.10 43.27 -1.77
C LEU B 185 5.34 43.33 -0.45
N TYR B 186 5.93 43.95 0.56
CA TYR B 186 5.25 44.11 1.85
C TYR B 186 3.98 44.95 1.70
N ALA B 187 4.07 46.01 0.89
CA ALA B 187 2.91 46.88 0.68
C ALA B 187 1.84 46.22 -0.19
N ALA B 188 2.22 45.25 -1.01
CA ALA B 188 1.27 44.56 -1.88
C ALA B 188 0.52 43.44 -1.17
N GLY B 189 0.97 43.04 0.02
CA GLY B 189 0.36 41.91 0.70
C GLY B 189 0.06 42.15 2.16
N GLU B 190 1.02 41.80 3.03
CA GLU B 190 0.74 41.78 4.46
C GLU B 190 0.51 43.17 5.02
N ASN B 191 1.15 44.19 4.45
CA ASN B 191 1.00 45.56 4.94
C ASN B 191 -0.11 46.33 4.24
N ARG B 192 -1.17 45.66 3.81
CA ARG B 192 -2.28 46.36 3.18
C ARG B 192 -3.55 45.53 3.34
N LEU B 193 -4.65 46.08 2.85
CA LEU B 193 -5.95 45.43 2.87
C LEU B 193 -6.26 44.92 1.48
N GLY B 194 -6.58 43.64 1.37
CA GLY B 194 -6.63 42.99 0.09
C GLY B 194 -5.23 42.61 -0.37
N THR B 195 -5.10 42.39 -1.68
CA THR B 195 -3.83 41.97 -2.24
C THR B 195 -3.66 42.58 -3.62
N ASP B 196 -2.45 43.05 -3.90
CA ASP B 196 -2.06 43.47 -5.25
C ASP B 196 -1.28 42.31 -5.88
N GLU B 197 -2.03 41.30 -6.31
CA GLU B 197 -1.40 40.10 -6.87
C GLU B 197 -0.54 40.43 -8.07
N SER B 198 -0.90 41.48 -8.83
CA SER B 198 -0.11 41.84 -10.02
C SER B 198 1.26 42.37 -9.66
N LYS B 199 1.44 42.91 -8.45
CA LYS B 199 2.75 43.38 -8.03
C LYS B 199 3.66 42.22 -7.67
N PHE B 200 3.13 41.20 -7.00
CA PHE B 200 3.91 39.98 -6.77
C PHE B 200 4.34 39.38 -8.09
N ASN B 201 3.44 39.32 -9.07
CA ASN B 201 3.77 38.73 -10.35
C ASN B 201 4.94 39.47 -11.02
N ALA B 202 4.87 40.81 -11.03
CA ALA B 202 5.90 41.58 -11.73
C ALA B 202 7.28 41.38 -11.10
N ILE B 203 7.34 41.30 -9.78
CA ILE B 203 8.63 41.22 -9.10
C ILE B 203 9.22 39.83 -9.22
N LEU B 204 8.40 38.79 -9.03
CA LEU B 204 8.90 37.42 -9.03
C LEU B 204 9.18 36.89 -10.42
N CYS B 205 8.57 37.47 -11.46
CA CYS B 205 8.71 36.96 -12.81
C CYS B 205 9.71 37.73 -13.66
N SER B 206 9.94 39.01 -13.37
CA SER B 206 10.83 39.82 -14.19
C SER B 206 12.25 39.88 -13.64
N ARG B 207 12.39 39.93 -12.32
CA ARG B 207 13.69 40.18 -11.71
C ARG B 207 14.61 38.99 -11.86
N SER B 208 15.92 39.29 -11.94
CA SER B 208 16.91 38.25 -12.08
C SER B 208 16.95 37.38 -10.82
N ARG B 209 17.58 36.21 -10.96
CA ARG B 209 17.67 35.29 -9.83
C ARG B 209 18.55 35.86 -8.73
N ALA B 210 19.72 36.39 -9.10
CA ALA B 210 20.60 36.98 -8.10
C ALA B 210 19.92 38.13 -7.36
N HIS B 211 19.05 38.88 -8.04
CA HIS B 211 18.36 39.99 -7.41
C HIS B 211 17.32 39.49 -6.41
N LEU B 212 16.51 38.51 -6.83
CA LEU B 212 15.43 38.05 -5.98
C LEU B 212 15.94 37.29 -4.76
N VAL B 213 17.15 36.72 -4.82
CA VAL B 213 17.74 36.11 -3.64
C VAL B 213 17.97 37.18 -2.56
N ALA B 214 18.51 38.33 -2.95
CA ALA B 214 18.69 39.41 -2.00
C ALA B 214 17.36 39.92 -1.48
N VAL B 215 16.35 39.99 -2.35
CA VAL B 215 15.04 40.45 -1.93
C VAL B 215 14.44 39.50 -0.88
N PHE B 216 14.50 38.20 -1.16
CA PHE B 216 13.96 37.22 -0.22
C PHE B 216 14.60 37.36 1.15
N ASN B 217 15.93 37.39 1.19
CA ASN B 217 16.64 37.50 2.45
C ASN B 217 16.35 38.83 3.13
N GLU B 218 16.41 39.92 2.36
CA GLU B 218 16.11 41.23 2.94
C GLU B 218 14.65 41.32 3.39
N TYR B 219 13.74 40.65 2.67
CA TYR B 219 12.35 40.67 3.08
C TYR B 219 12.16 39.97 4.43
N GLN B 220 12.81 38.82 4.63
CA GLN B 220 12.69 38.13 5.90
C GLN B 220 13.35 38.92 7.02
N ARG B 221 14.50 39.54 6.73
CA ARG B 221 15.23 40.25 7.77
C ARG B 221 14.41 41.42 8.32
N MET B 222 13.71 42.15 7.46
CA MET B 222 12.94 43.30 7.91
C MET B 222 11.62 42.89 8.51
N THR B 223 10.86 42.03 7.83
CA THR B 223 9.53 41.66 8.30
C THR B 223 9.59 40.60 9.39
N GLY B 224 10.63 39.78 9.40
CA GLY B 224 10.73 38.66 10.32
C GLY B 224 10.12 37.37 9.81
N ARG B 225 9.46 37.38 8.66
CA ARG B 225 8.83 36.20 8.10
C ARG B 225 9.24 36.06 6.64
N ASP B 226 9.32 34.80 6.20
CA ASP B 226 9.74 34.50 4.83
C ASP B 226 8.64 34.86 3.85
N ILE B 227 9.06 35.27 2.65
CA ILE B 227 8.11 35.67 1.61
C ILE B 227 7.08 34.57 1.36
N GLU B 228 7.48 33.31 1.54
CA GLU B 228 6.53 32.21 1.36
C GLU B 228 5.38 32.32 2.35
N LYS B 229 5.67 32.70 3.60
CA LYS B 229 4.61 32.87 4.60
C LYS B 229 3.64 33.96 4.17
N SER B 230 4.17 35.12 3.76
CA SER B 230 3.30 36.20 3.28
C SER B 230 2.45 35.73 2.12
N ILE B 231 3.01 34.92 1.22
CA ILE B 231 2.26 34.43 0.07
C ILE B 231 1.11 33.53 0.50
N CYS B 232 1.34 32.71 1.53
CA CYS B 232 0.30 31.77 1.94
C CYS B 232 -0.93 32.48 2.49
N ARG B 233 -0.75 33.64 3.12
CA ARG B 233 -1.87 34.34 3.74
C ARG B 233 -2.55 35.31 2.79
N GLU B 234 -1.83 35.82 1.80
CA GLU B 234 -2.43 36.74 0.84
C GLU B 234 -3.04 36.03 -0.36
N MET B 235 -2.69 34.78 -0.59
CA MET B 235 -3.12 34.06 -1.79
C MET B 235 -3.58 32.66 -1.42
N SER B 236 -4.37 32.08 -2.31
CA SER B 236 -4.90 30.73 -2.13
C SER B 236 -5.07 30.09 -3.49
N GLY B 237 -5.26 28.77 -3.48
CA GLY B 237 -5.52 28.06 -4.73
C GLY B 237 -4.29 27.94 -5.60
N ASP B 238 -4.51 27.95 -6.91
CA ASP B 238 -3.41 27.75 -7.85
C ASP B 238 -2.45 28.92 -7.84
N LEU B 239 -2.98 30.15 -7.74
CA LEU B 239 -2.11 31.32 -7.67
C LEU B 239 -1.08 31.18 -6.56
N GLU B 240 -1.51 30.71 -5.40
CA GLU B 240 -0.59 30.52 -4.28
C GLU B 240 0.49 29.49 -4.64
N GLN B 241 0.07 28.29 -5.04
CA GLN B 241 1.03 27.25 -5.40
C GLN B 241 1.98 27.74 -6.49
N GLY B 242 1.45 28.46 -7.48
CA GLY B 242 2.32 28.99 -8.52
C GLY B 242 3.37 29.94 -7.97
N MET B 243 2.92 30.94 -7.21
CA MET B 243 3.86 31.89 -6.61
C MET B 243 4.90 31.17 -5.77
N LEU B 244 4.47 30.20 -4.96
CA LEU B 244 5.41 29.46 -4.14
C LEU B 244 6.41 28.71 -5.00
N ALA B 245 5.93 27.96 -5.99
CA ALA B 245 6.82 27.20 -6.86
C ALA B 245 7.89 28.09 -7.48
N VAL B 246 7.50 29.29 -7.92
CA VAL B 246 8.47 30.23 -8.47
C VAL B 246 9.53 30.57 -7.42
N VAL B 247 9.09 30.99 -6.24
CA VAL B 247 10.02 31.32 -5.16
C VAL B 247 10.91 30.13 -4.87
N LYS B 248 10.31 28.95 -4.66
CA LYS B 248 11.09 27.77 -4.30
C LYS B 248 12.14 27.45 -5.35
N CYS B 249 11.78 27.55 -6.63
CA CYS B 249 12.74 27.25 -7.69
C CYS B 249 13.86 28.28 -7.72
N LEU B 250 13.52 29.57 -7.56
CA LEU B 250 14.55 30.60 -7.47
C LEU B 250 15.48 30.33 -6.29
N LYS B 251 14.94 29.90 -5.15
CA LYS B 251 15.75 29.56 -4.00
C LYS B 251 16.63 28.35 -4.27
N ASN B 252 16.00 27.19 -4.48
CA ASN B 252 16.72 25.92 -4.61
C ASN B 252 15.87 25.01 -5.49
N THR B 253 16.09 25.11 -6.80
CA THR B 253 15.31 24.30 -7.74
C THR B 253 15.44 22.80 -7.44
N PRO B 254 16.64 22.24 -7.27
CA PRO B 254 16.71 20.83 -6.84
C PRO B 254 15.88 20.53 -5.61
N ALA B 255 15.94 21.39 -4.58
CA ALA B 255 15.16 21.13 -3.38
C ALA B 255 13.66 21.19 -3.67
N PHE B 256 13.25 22.08 -4.57
CA PHE B 256 11.84 22.16 -4.93
C PHE B 256 11.34 20.86 -5.51
N PHE B 257 12.12 20.23 -6.39
CA PHE B 257 11.69 18.98 -7.00
C PHE B 257 11.66 17.85 -5.97
N ALA B 258 12.62 17.84 -5.05
CA ALA B 258 12.60 16.85 -3.97
C ALA B 258 11.30 16.92 -3.21
N GLU B 259 10.79 18.13 -2.94
CA GLU B 259 9.53 18.27 -2.23
C GLU B 259 8.37 17.76 -3.07
N ARG B 260 8.39 18.04 -4.38
CA ARG B 260 7.34 17.50 -5.26
C ARG B 260 7.42 15.99 -5.34
N LEU B 261 8.63 15.43 -5.39
CA LEU B 261 8.79 13.99 -5.33
C LEU B 261 8.19 13.43 -4.05
N ASN B 262 8.59 13.96 -2.90
CA ASN B 262 8.09 13.47 -1.62
C ASN B 262 6.57 13.58 -1.56
N LYS B 263 6.05 14.75 -1.91
CA LYS B 263 4.59 14.89 -1.97
C LYS B 263 3.98 13.90 -2.95
N ALA B 264 4.75 13.48 -3.95
CA ALA B 264 4.22 12.55 -4.95
C ALA B 264 3.99 11.17 -4.36
N MET B 265 4.85 10.75 -3.42
CA MET B 265 4.85 9.38 -2.94
C MET B 265 4.17 9.17 -1.60
N ARG B 266 3.90 10.23 -0.84
CA ARG B 266 3.29 10.04 0.47
C ARG B 266 1.80 9.76 0.32
N GLY B 267 1.30 8.89 1.18
CA GLY B 267 0.00 8.28 1.02
C GLY B 267 0.12 6.82 0.60
N ALA B 268 -1.03 6.15 0.55
CA ALA B 268 -1.05 4.79 0.04
C ALA B 268 -0.90 4.77 -1.48
N GLY B 269 -1.36 5.82 -2.16
CA GLY B 269 -1.22 5.94 -3.58
C GLY B 269 0.02 6.73 -3.97
N THR B 270 0.14 6.99 -5.27
CA THR B 270 1.30 7.68 -5.81
C THR B 270 0.85 8.61 -6.94
N LYS B 271 1.51 9.77 -7.03
CA LYS B 271 1.31 10.69 -8.15
C LYS B 271 2.29 10.26 -9.24
N ASP B 272 1.82 9.36 -10.11
CA ASP B 272 2.72 8.72 -11.07
C ASP B 272 3.04 9.64 -12.25
N ARG B 273 2.08 10.43 -12.71
CA ARG B 273 2.39 11.43 -13.72
C ARG B 273 3.50 12.36 -13.24
N THR B 274 3.41 12.81 -11.98
CA THR B 274 4.43 13.70 -11.43
C THR B 274 5.73 12.95 -11.17
N LEU B 275 5.63 11.75 -10.58
CA LEU B 275 6.82 10.98 -10.29
C LEU B 275 7.59 10.65 -11.55
N ILE B 276 6.89 10.29 -12.63
CA ILE B 276 7.56 9.95 -13.88
C ILE B 276 8.16 11.20 -14.52
N ARG B 277 7.38 12.28 -14.61
CA ARG B 277 7.85 13.49 -15.26
C ARG B 277 9.12 14.01 -14.57
N ILE B 278 9.10 14.11 -13.25
CA ILE B 278 10.23 14.69 -12.53
C ILE B 278 11.49 13.86 -12.75
N MET B 279 11.41 12.56 -12.45
CA MET B 279 12.57 11.69 -12.63
C MET B 279 13.12 11.79 -14.04
N VAL B 280 12.24 11.79 -15.05
CA VAL B 280 12.69 11.82 -16.44
C VAL B 280 13.25 13.19 -16.78
N SER B 281 12.52 14.26 -16.41
CA SER B 281 12.87 15.59 -16.91
C SER B 281 14.17 16.11 -16.30
N ARG B 282 14.52 15.67 -15.10
CA ARG B 282 15.71 16.17 -14.41
C ARG B 282 16.86 15.17 -14.46
N SER B 283 16.70 14.04 -15.14
CA SER B 283 17.73 13.01 -15.14
C SER B 283 19.06 13.53 -15.69
N GLU B 284 18.99 14.39 -16.71
CA GLU B 284 20.19 14.97 -17.32
C GLU B 284 20.42 16.42 -16.91
N LEU B 285 19.75 16.88 -15.85
CA LEU B 285 19.93 18.24 -15.37
C LEU B 285 20.50 18.25 -13.96
N ASP B 286 19.66 18.00 -12.95
CA ASP B 286 20.07 18.15 -11.55
C ASP B 286 19.45 17.06 -10.70
N LEU B 287 19.39 15.83 -11.22
CA LEU B 287 18.79 14.74 -10.45
C LEU B 287 19.69 14.30 -9.31
N LEU B 288 21.01 14.45 -9.45
CA LEU B 288 21.91 14.16 -8.34
C LEU B 288 21.66 15.10 -7.17
N ASP B 289 21.46 16.39 -7.45
CA ASP B 289 21.22 17.34 -6.38
C ASP B 289 19.85 17.14 -5.75
N ILE B 290 18.85 16.71 -6.54
CA ILE B 290 17.55 16.39 -5.96
C ILE B 290 17.69 15.24 -4.97
N ARG B 291 18.45 14.21 -5.34
CA ARG B 291 18.70 13.11 -4.41
C ARG B 291 19.32 13.61 -3.12
N ALA B 292 20.39 14.40 -3.23
CA ALA B 292 21.03 14.96 -2.05
C ALA B 292 20.02 15.79 -1.24
N GLU B 293 19.25 16.64 -1.92
CA GLU B 293 18.27 17.45 -1.20
C GLU B 293 17.17 16.60 -0.61
N TYR B 294 16.78 15.52 -1.29
CA TYR B 294 15.74 14.65 -0.75
C TYR B 294 16.15 14.06 0.59
N LYS B 295 17.40 13.60 0.68
CA LYS B 295 17.89 12.99 1.91
C LYS B 295 17.99 14.01 3.03
N ARG B 296 18.58 15.17 2.73
CA ARG B 296 18.75 16.22 3.72
C ARG B 296 17.42 16.65 4.32
N MET B 297 16.34 16.55 3.55
CA MET B 297 15.05 17.10 3.96
C MET B 297 14.13 16.08 4.62
N TYR B 298 14.25 14.79 4.28
CA TYR B 298 13.31 13.80 4.76
C TYR B 298 13.96 12.64 5.51
N GLY B 299 15.28 12.59 5.58
CA GLY B 299 15.93 11.52 6.31
C GLY B 299 16.04 10.24 5.53
N LYS B 300 15.12 10.04 4.60
CA LYS B 300 15.13 8.87 3.71
C LYS B 300 15.72 9.26 2.37
N SER B 301 16.29 8.29 1.68
CA SER B 301 16.81 8.52 0.34
C SER B 301 15.69 8.42 -0.68
N LEU B 302 15.86 9.16 -1.79
CA LEU B 302 14.91 9.06 -2.89
C LEU B 302 14.82 7.62 -3.39
N TYR B 303 15.99 6.98 -3.58
CA TYR B 303 16.00 5.56 -3.95
C TYR B 303 15.11 4.74 -3.03
N HIS B 304 15.27 4.93 -1.72
CA HIS B 304 14.50 4.15 -0.75
C HIS B 304 13.00 4.40 -0.91
N ASP B 305 12.60 5.67 -1.05
CA ASP B 305 11.18 5.99 -1.11
C ASP B 305 10.55 5.49 -2.40
N ILE B 306 11.29 5.49 -3.50
CA ILE B 306 10.77 4.90 -4.74
C ILE B 306 10.48 3.42 -4.52
N THR B 307 11.43 2.71 -3.91
CA THR B 307 11.25 1.29 -3.65
C THR B 307 9.97 1.03 -2.87
N GLY B 308 9.61 1.92 -1.94
CA GLY B 308 8.47 1.71 -1.08
C GLY B 308 7.12 2.06 -1.69
N ASP B 309 7.11 2.71 -2.85
CA ASP B 309 5.87 3.17 -3.46
C ASP B 309 5.63 2.60 -4.85
N THR B 310 6.58 1.87 -5.42
CA THR B 310 6.46 1.34 -6.77
C THR B 310 6.89 -0.13 -6.77
N SER B 311 6.64 -0.79 -7.90
CA SER B 311 6.93 -2.21 -8.00
C SER B 311 7.06 -2.58 -9.48
N GLY B 312 7.44 -3.83 -9.72
CA GLY B 312 7.57 -4.34 -11.06
C GLY B 312 8.63 -3.60 -11.87
N ASP B 313 8.50 -3.74 -13.20
CA ASP B 313 9.43 -3.07 -14.10
C ASP B 313 9.31 -1.55 -13.96
N TYR B 314 8.12 -1.05 -13.65
CA TYR B 314 7.95 0.37 -13.42
C TYR B 314 8.95 0.90 -12.40
N ARG B 315 9.12 0.17 -11.30
CA ARG B 315 10.11 0.57 -10.30
C ARG B 315 11.52 0.39 -10.83
N LYS B 316 11.79 -0.71 -11.53
CA LYS B 316 13.13 -1.00 -11.98
C LYS B 316 13.72 0.16 -12.78
N ILE B 317 12.93 0.71 -13.72
CA ILE B 317 13.44 1.81 -14.52
C ILE B 317 13.59 3.07 -13.68
N LEU B 318 12.60 3.35 -12.83
CA LEU B 318 12.70 4.52 -11.95
C LEU B 318 13.98 4.46 -11.12
N LEU B 319 14.28 3.31 -10.54
CA LEU B 319 15.51 3.16 -9.79
C LEU B 319 16.73 3.21 -10.71
N LYS B 320 16.60 2.67 -11.92
CA LYS B 320 17.68 2.77 -12.89
C LYS B 320 18.01 4.24 -13.16
N ILE B 321 16.98 5.08 -13.29
CA ILE B 321 17.20 6.50 -13.51
C ILE B 321 17.78 7.14 -12.26
N CYS B 322 17.24 6.78 -11.09
CA CYS B 322 17.73 7.36 -9.84
C CYS B 322 19.23 7.14 -9.68
N GLY B 323 19.68 5.89 -9.82
CA GLY B 323 21.10 5.62 -9.76
C GLY B 323 21.85 6.15 -10.97
N GLY B 324 21.29 5.93 -12.17
CA GLY B 324 21.87 6.46 -13.37
C GLY B 324 23.00 5.62 -13.93
N ASN B 325 24.05 6.28 -14.45
CA ASN B 325 25.19 5.58 -15.02
C ASN B 325 26.48 6.34 -14.75
N ARG C 12 9.27 -18.40 -5.29
CA ARG C 12 8.24 -18.12 -6.27
C ARG C 12 6.86 -18.28 -5.65
N GLY C 13 6.77 -19.15 -4.64
CA GLY C 13 5.55 -19.29 -3.86
C GLY C 13 5.51 -18.32 -2.69
N THR C 14 4.31 -18.06 -2.19
CA THR C 14 4.12 -17.11 -1.11
C THR C 14 4.11 -17.76 0.27
N ILE C 15 3.59 -18.98 0.40
CA ILE C 15 3.65 -19.72 1.65
C ILE C 15 4.89 -20.59 1.64
N THR C 16 5.71 -20.49 2.68
CA THR C 16 6.93 -21.27 2.81
C THR C 16 6.99 -21.83 4.23
N ASP C 17 8.02 -22.65 4.49
CA ASP C 17 8.11 -23.30 5.79
C ASP C 17 8.17 -22.28 6.92
N ALA C 18 7.42 -22.55 7.98
CA ALA C 18 7.45 -21.69 9.15
C ALA C 18 8.79 -21.84 9.89
N SER C 19 8.96 -21.00 10.91
CA SER C 19 10.23 -20.92 11.62
C SER C 19 10.32 -21.90 12.79
N GLY C 20 9.68 -21.59 13.91
CA GLY C 20 9.75 -22.45 15.07
C GLY C 20 8.66 -23.49 15.06
N PHE C 21 8.70 -24.40 14.09
CA PHE C 21 7.60 -25.32 13.87
C PHE C 21 7.51 -26.34 15.00
N ASP C 22 6.32 -26.50 15.55
CA ASP C 22 6.04 -27.51 16.58
C ASP C 22 4.64 -28.05 16.31
N PRO C 23 4.52 -29.22 15.66
CA PRO C 23 3.19 -29.68 15.29
C PRO C 23 2.31 -30.02 16.48
N LEU C 24 2.89 -30.52 17.57
CA LEU C 24 2.09 -30.79 18.76
C LEU C 24 1.58 -29.48 19.37
N ARG C 25 2.41 -28.43 19.34
CA ARG C 25 1.94 -27.12 19.77
C ARG C 25 0.82 -26.63 18.87
N ASP C 26 0.99 -26.75 17.55
CA ASP C 26 -0.02 -26.27 16.62
C ASP C 26 -1.32 -27.05 16.75
N ALA C 27 -1.22 -28.38 16.95
CA ALA C 27 -2.42 -29.18 17.07
C ALA C 27 -3.21 -28.84 18.33
N GLU C 28 -2.52 -28.36 19.38
CA GLU C 28 -3.21 -27.94 20.58
C GLU C 28 -3.99 -26.64 20.34
N VAL C 29 -3.41 -25.73 19.56
CA VAL C 29 -4.07 -24.46 19.27
C VAL C 29 -5.40 -24.69 18.56
N LEU C 30 -5.42 -25.65 17.63
CA LEU C 30 -6.65 -25.91 16.88
C LEU C 30 -7.67 -26.66 17.73
N ARG C 31 -7.21 -27.59 18.57
CA ARG C 31 -8.11 -28.26 19.50
C ARG C 31 -8.84 -27.24 20.37
N LYS C 32 -8.08 -26.37 21.06
CA LYS C 32 -8.71 -25.39 21.92
C LYS C 32 -9.54 -24.39 21.12
N ALA C 33 -9.18 -24.16 19.86
CA ALA C 33 -9.99 -23.26 19.03
C ALA C 33 -11.34 -23.86 18.70
N MET C 34 -11.43 -25.18 18.61
CA MET C 34 -12.68 -25.85 18.28
C MET C 34 -13.44 -26.33 19.51
N LYS C 35 -12.75 -26.57 20.63
CA LYS C 35 -13.44 -27.00 21.83
C LYS C 35 -14.39 -25.91 22.32
N GLY C 36 -15.60 -26.33 22.69
CA GLY C 36 -16.54 -25.46 23.38
C GLY C 36 -17.56 -24.83 22.46
N PHE C 37 -18.37 -23.97 23.06
CA PHE C 37 -19.39 -23.25 22.31
C PHE C 37 -18.72 -22.42 21.21
N GLY C 38 -19.33 -22.43 20.03
CA GLY C 38 -18.81 -21.63 18.93
C GLY C 38 -17.48 -22.14 18.43
N THR C 39 -16.77 -21.24 17.75
CA THR C 39 -15.49 -21.58 17.12
C THR C 39 -14.61 -20.35 17.09
N ASP C 40 -13.30 -20.57 17.20
CA ASP C 40 -12.30 -19.50 17.13
C ASP C 40 -11.67 -19.57 15.73
N GLU C 41 -12.27 -18.86 14.78
CA GLU C 41 -11.84 -18.95 13.40
C GLU C 41 -10.53 -18.21 13.14
N GLN C 42 -10.16 -17.25 13.99
CA GLN C 42 -8.94 -16.50 13.75
C GLN C 42 -7.70 -17.30 14.10
N ALA C 43 -7.76 -18.11 15.17
CA ALA C 43 -6.61 -18.94 15.53
C ALA C 43 -6.35 -20.01 14.48
N ILE C 44 -7.41 -20.57 13.90
CA ILE C 44 -7.25 -21.52 12.81
C ILE C 44 -6.52 -20.87 11.65
N ILE C 45 -6.97 -19.69 11.22
CA ILE C 45 -6.34 -18.98 10.11
C ILE C 45 -4.86 -18.73 10.43
N ASP C 46 -4.58 -18.15 11.59
CA ASP C 46 -3.22 -17.79 11.94
C ASP C 46 -2.28 -18.99 11.99
N CYS C 47 -2.82 -20.18 12.22
CA CYS C 47 -1.99 -21.40 12.28
C CYS C 47 -1.87 -22.01 10.88
N LEU C 48 -2.99 -22.51 10.35
CA LEU C 48 -2.94 -23.24 9.09
C LEU C 48 -2.53 -22.34 7.93
N GLY C 49 -2.82 -21.04 8.01
CA GLY C 49 -2.43 -20.13 6.95
C GLY C 49 -0.95 -19.80 6.96
N SER C 50 -0.25 -20.07 8.06
CA SER C 50 1.16 -19.72 8.18
C SER C 50 2.06 -20.94 8.15
N ARG C 51 1.58 -22.07 7.63
CA ARG C 51 2.36 -23.29 7.56
C ARG C 51 2.38 -23.81 6.13
N SER C 52 3.52 -24.38 5.73
CA SER C 52 3.58 -25.07 4.46
C SER C 52 2.75 -26.35 4.50
N ASN C 53 2.42 -26.87 3.31
CA ASN C 53 1.57 -28.05 3.23
C ASN C 53 2.15 -29.21 4.03
N LYS C 54 3.44 -29.48 3.86
CA LYS C 54 4.05 -30.60 4.59
C LYS C 54 3.94 -30.39 6.10
N GLN C 55 4.04 -29.12 6.54
CA GLN C 55 3.87 -28.85 7.96
C GLN C 55 2.44 -29.06 8.41
N ARG C 56 1.47 -28.82 7.53
CA ARG C 56 0.09 -29.10 7.88
C ARG C 56 -0.17 -30.60 7.94
N GLN C 57 0.54 -31.38 7.11
CA GLN C 57 0.42 -32.83 7.21
C GLN C 57 0.97 -33.33 8.54
N GLN C 58 2.05 -32.71 9.03
CA GLN C 58 2.57 -33.09 10.34
C GLN C 58 1.61 -32.72 11.46
N ILE C 59 0.91 -31.58 11.31
CA ILE C 59 -0.04 -31.16 12.33
C ILE C 59 -1.23 -32.12 12.36
N LEU C 60 -1.69 -32.58 11.19
CA LEU C 60 -2.72 -33.60 11.14
C LEU C 60 -2.31 -34.84 11.93
N LEU C 61 -1.05 -35.23 11.82
CA LEU C 61 -0.58 -36.46 12.46
C LEU C 61 -0.41 -36.27 13.96
N SER C 62 0.03 -35.09 14.39
CA SER C 62 0.11 -34.81 15.81
C SER C 62 -1.27 -34.70 16.45
N PHE C 63 -2.21 -34.05 15.76
CA PHE C 63 -3.56 -33.91 16.29
C PHE C 63 -4.20 -35.27 16.49
N LYS C 64 -4.02 -36.18 15.54
CA LYS C 64 -4.60 -37.51 15.68
C LYS C 64 -3.84 -38.33 16.71
N THR C 65 -2.52 -38.13 16.83
CA THR C 65 -1.75 -38.80 17.86
C THR C 65 -2.18 -38.34 19.25
N ALA C 66 -2.21 -37.02 19.46
CA ALA C 66 -2.46 -36.49 20.81
C ALA C 66 -3.89 -36.75 21.26
N TYR C 67 -4.86 -36.59 20.36
CA TYR C 67 -6.26 -36.60 20.76
C TYR C 67 -7.05 -37.76 20.16
N GLY C 68 -6.45 -38.59 19.31
CA GLY C 68 -7.18 -39.71 18.74
C GLY C 68 -8.37 -39.32 17.90
N LYS C 69 -8.43 -38.08 17.43
CA LYS C 69 -9.50 -37.60 16.58
C LYS C 69 -8.93 -37.25 15.21
N ASP C 70 -9.79 -37.25 14.20
CA ASP C 70 -9.39 -36.81 12.87
C ASP C 70 -9.53 -35.29 12.81
N LEU C 71 -8.42 -34.60 12.56
CA LEU C 71 -8.46 -33.15 12.49
C LEU C 71 -9.39 -32.67 11.38
N ILE C 72 -9.32 -33.31 10.21
CA ILE C 72 -10.17 -32.91 9.09
C ILE C 72 -11.64 -33.04 9.45
N LYS C 73 -12.01 -34.15 10.11
CA LYS C 73 -13.40 -34.35 10.48
C LYS C 73 -13.87 -33.28 11.47
N ASP C 74 -12.98 -32.82 12.34
CA ASP C 74 -13.36 -31.81 13.32
C ASP C 74 -13.54 -30.44 12.66
N LEU C 75 -12.65 -30.08 11.74
CA LEU C 75 -12.81 -28.82 11.03
C LEU C 75 -14.08 -28.81 10.18
N LYS C 76 -14.45 -29.96 9.61
CA LYS C 76 -15.68 -30.03 8.83
C LYS C 76 -16.91 -29.76 9.69
N SER C 77 -16.85 -30.12 10.97
CA SER C 77 -18.02 -29.93 11.83
C SER C 77 -18.05 -28.51 12.42
N GLU C 78 -16.88 -27.95 12.74
CA GLU C 78 -16.85 -26.61 13.32
C GLU C 78 -17.14 -25.56 12.26
N LEU C 79 -16.35 -25.53 11.20
CA LEU C 79 -16.42 -24.48 10.19
C LEU C 79 -17.50 -24.79 9.15
N SER C 80 -17.73 -23.82 8.26
CA SER C 80 -18.78 -23.94 7.25
C SER C 80 -18.47 -23.01 6.09
N GLY C 81 -19.27 -23.15 5.02
CA GLY C 81 -19.20 -22.24 3.90
C GLY C 81 -17.87 -22.31 3.15
N ASN C 82 -17.54 -21.20 2.49
CA ASN C 82 -16.29 -21.14 1.73
C ASN C 82 -15.07 -21.05 2.63
N PHE C 83 -15.24 -20.67 3.90
CA PHE C 83 -14.13 -20.77 4.84
C PHE C 83 -13.80 -22.24 5.10
N GLU C 84 -14.83 -23.07 5.27
CA GLU C 84 -14.61 -24.51 5.36
C GLU C 84 -13.87 -25.03 4.13
N LYS C 85 -14.37 -24.67 2.94
CA LYS C 85 -13.77 -25.17 1.71
C LYS C 85 -12.31 -24.77 1.60
N THR C 86 -11.98 -23.53 1.94
CA THR C 86 -10.59 -23.08 1.80
C THR C 86 -9.67 -23.82 2.76
N ILE C 87 -10.09 -23.97 4.02
CA ILE C 87 -9.26 -24.66 5.00
C ILE C 87 -9.06 -26.11 4.59
N LEU C 88 -10.14 -26.78 4.17
CA LEU C 88 -10.02 -28.18 3.76
C LEU C 88 -9.04 -28.33 2.60
N ALA C 89 -9.16 -27.46 1.59
CA ALA C 89 -8.24 -27.51 0.46
C ALA C 89 -6.79 -27.36 0.91
N LEU C 90 -6.55 -26.51 1.92
CA LEU C 90 -5.20 -26.31 2.41
C LEU C 90 -4.65 -27.57 3.07
N MET C 91 -5.53 -28.39 3.65
CA MET C 91 -5.07 -29.55 4.40
C MET C 91 -4.77 -30.75 3.52
N LYS C 92 -5.28 -30.78 2.29
CA LYS C 92 -4.96 -31.87 1.38
C LYS C 92 -3.58 -31.66 0.77
N THR C 93 -2.94 -32.78 0.43
CA THR C 93 -1.67 -32.70 -0.26
C THR C 93 -1.86 -32.18 -1.68
N PRO C 94 -0.83 -31.59 -2.27
CA PRO C 94 -0.97 -31.08 -3.65
C PRO C 94 -1.63 -32.06 -4.61
N VAL C 95 -1.22 -33.33 -4.57
CA VAL C 95 -1.72 -34.29 -5.54
C VAL C 95 -3.16 -34.69 -5.22
N LEU C 96 -3.49 -34.83 -3.93
CA LEU C 96 -4.84 -35.26 -3.57
C LEU C 96 -5.86 -34.15 -3.79
N PHE C 97 -5.48 -32.90 -3.59
CA PHE C 97 -6.38 -31.80 -3.91
C PHE C 97 -6.66 -31.73 -5.40
N ASP C 98 -5.61 -31.82 -6.22
CA ASP C 98 -5.81 -31.87 -7.66
C ASP C 98 -6.74 -33.01 -8.06
N VAL C 99 -6.63 -34.15 -7.36
CA VAL C 99 -7.39 -35.33 -7.74
C VAL C 99 -8.86 -35.18 -7.34
N TYR C 100 -9.11 -34.59 -6.17
CA TYR C 100 -10.49 -34.39 -5.74
C TYR C 100 -11.17 -33.27 -6.51
N GLU C 101 -10.40 -32.26 -6.95
CA GLU C 101 -10.96 -31.23 -7.82
C GLU C 101 -11.43 -31.83 -9.13
N ILE C 102 -10.59 -32.67 -9.74
CA ILE C 102 -10.99 -33.35 -10.98
C ILE C 102 -12.24 -34.19 -10.74
N LYS C 103 -12.28 -34.90 -9.61
CA LYS C 103 -13.48 -35.67 -9.26
C LYS C 103 -14.69 -34.74 -9.14
N GLU C 104 -14.54 -33.66 -8.37
CA GLU C 104 -15.63 -32.72 -8.18
C GLU C 104 -16.08 -32.12 -9.50
N ALA C 105 -15.14 -31.84 -10.40
CA ALA C 105 -15.50 -31.28 -11.69
C ALA C 105 -16.34 -32.26 -12.51
N ILE C 106 -16.07 -33.55 -12.39
CA ILE C 106 -16.76 -34.54 -13.19
C ILE C 106 -18.03 -35.06 -12.51
N LYS C 107 -18.08 -35.02 -11.18
CA LYS C 107 -19.22 -35.57 -10.46
C LYS C 107 -20.51 -34.86 -10.84
N GLY C 108 -21.58 -35.63 -10.98
CA GLY C 108 -22.90 -35.08 -11.21
C GLY C 108 -23.14 -34.69 -12.65
N ALA C 109 -24.37 -34.24 -12.90
CA ALA C 109 -24.75 -33.77 -14.23
C ALA C 109 -23.92 -32.56 -14.60
N GLY C 110 -23.33 -32.58 -15.80
CA GLY C 110 -22.47 -31.51 -16.25
C GLY C 110 -21.03 -31.71 -15.79
N THR C 111 -20.17 -30.86 -16.32
CA THR C 111 -18.74 -30.94 -16.06
C THR C 111 -18.16 -29.54 -15.90
N ASP C 112 -17.27 -29.39 -14.93
CA ASP C 112 -16.49 -28.17 -14.78
C ASP C 112 -15.24 -28.32 -15.65
N GLU C 113 -15.43 -28.04 -16.95
CA GLU C 113 -14.34 -28.23 -17.90
C GLU C 113 -13.17 -27.30 -17.61
N ALA C 114 -13.45 -26.11 -17.07
CA ALA C 114 -12.36 -25.16 -16.80
C ALA C 114 -11.41 -25.72 -15.76
N CYS C 115 -11.93 -26.39 -14.73
CA CYS C 115 -11.06 -27.03 -13.74
C CYS C 115 -10.18 -28.08 -14.38
N LEU C 116 -10.79 -28.99 -15.15
CA LEU C 116 -10.01 -29.98 -15.88
C LEU C 116 -8.95 -29.33 -16.75
N ILE C 117 -9.33 -28.26 -17.46
CA ILE C 117 -8.37 -27.55 -18.30
C ILE C 117 -7.29 -26.90 -17.45
N GLU C 118 -7.71 -26.21 -16.37
CA GLU C 118 -6.76 -25.50 -15.52
C GLU C 118 -5.69 -26.43 -14.98
N ILE C 119 -6.08 -27.61 -14.51
CA ILE C 119 -5.11 -28.53 -13.91
C ILE C 119 -4.22 -29.13 -15.00
N LEU C 120 -4.83 -29.82 -15.97
CA LEU C 120 -4.05 -30.59 -16.93
C LEU C 120 -3.20 -29.70 -17.84
N ALA C 121 -3.53 -28.42 -17.97
CA ALA C 121 -2.76 -27.53 -18.82
C ALA C 121 -1.54 -26.94 -18.12
N SER C 122 -1.53 -26.93 -16.79
CA SER C 122 -0.51 -26.22 -16.04
C SER C 122 0.45 -27.12 -15.27
N ARG C 123 0.11 -28.39 -15.06
CA ARG C 123 0.93 -29.24 -14.22
C ARG C 123 2.10 -29.82 -15.03
N SER C 124 3.15 -30.18 -14.30
CA SER C 124 4.36 -30.74 -14.91
C SER C 124 4.14 -32.22 -15.25
N ASN C 125 5.12 -32.79 -15.96
CA ASN C 125 5.07 -34.21 -16.27
C ASN C 125 5.13 -35.05 -15.00
N GLU C 126 6.10 -34.77 -14.13
CA GLU C 126 6.25 -35.55 -12.91
C GLU C 126 5.01 -35.46 -12.03
N HIS C 127 4.33 -34.31 -12.03
CA HIS C 127 3.14 -34.17 -11.20
C HIS C 127 1.94 -34.89 -11.81
N ILE C 128 1.75 -34.78 -13.12
CA ILE C 128 0.60 -35.41 -13.76
C ILE C 128 0.68 -36.91 -13.64
N ARG C 129 1.89 -37.48 -13.77
CA ARG C 129 2.03 -38.92 -13.59
C ARG C 129 1.67 -39.35 -12.18
N GLU C 130 1.82 -38.45 -11.20
CA GLU C 130 1.39 -38.76 -9.83
C GLU C 130 -0.13 -38.68 -9.70
N LEU C 131 -0.77 -37.74 -10.38
CA LEU C 131 -2.22 -37.66 -10.34
C LEU C 131 -2.86 -38.95 -10.87
N ASN C 132 -2.23 -39.57 -11.88
CA ASN C 132 -2.76 -40.82 -12.41
C ASN C 132 -2.77 -41.89 -11.33
N ARG C 133 -1.59 -42.21 -10.77
CA ARG C 133 -1.53 -43.13 -9.65
C ARG C 133 -2.56 -42.76 -8.59
N ALA C 134 -2.59 -41.50 -8.19
CA ALA C 134 -3.46 -41.08 -7.10
C ALA C 134 -4.93 -41.27 -7.45
N TYR C 135 -5.33 -40.90 -8.67
CA TYR C 135 -6.75 -40.96 -9.01
C TYR C 135 -7.25 -42.40 -8.96
N LYS C 136 -6.48 -43.33 -9.52
CA LYS C 136 -6.91 -44.73 -9.50
C LYS C 136 -6.88 -45.31 -8.10
N THR C 137 -5.93 -44.89 -7.26
CA THR C 137 -5.88 -45.39 -5.89
C THR C 137 -7.07 -44.88 -5.08
N GLU C 138 -7.43 -43.62 -5.26
CA GLU C 138 -8.48 -43.03 -4.43
C GLU C 138 -9.87 -43.36 -4.93
N PHE C 139 -10.06 -43.50 -6.24
CA PHE C 139 -11.38 -43.69 -6.82
C PHE C 139 -11.45 -45.02 -7.55
N LYS C 140 -12.68 -45.36 -7.95
CA LYS C 140 -12.92 -46.63 -8.64
C LYS C 140 -12.18 -46.67 -9.97
N LYS C 141 -12.31 -45.61 -10.77
CA LYS C 141 -11.82 -45.61 -12.15
C LYS C 141 -10.41 -45.02 -12.23
N THR C 142 -9.86 -45.00 -13.44
CA THR C 142 -8.63 -44.30 -13.74
C THR C 142 -8.94 -42.87 -14.16
N LEU C 143 -7.89 -42.06 -14.25
CA LEU C 143 -8.06 -40.70 -14.73
C LEU C 143 -8.51 -40.68 -16.19
N GLU C 144 -7.85 -41.49 -17.02
CA GLU C 144 -8.24 -41.57 -18.43
C GLU C 144 -9.70 -41.99 -18.56
N GLU C 145 -10.10 -43.05 -17.86
CA GLU C 145 -11.50 -43.46 -17.90
C GLU C 145 -12.40 -42.37 -17.34
N ALA C 146 -11.98 -41.72 -16.26
CA ALA C 146 -12.77 -40.62 -15.71
C ALA C 146 -12.98 -39.54 -16.76
N ILE C 147 -11.93 -39.19 -17.51
CA ILE C 147 -12.05 -38.17 -18.55
C ILE C 147 -13.07 -38.59 -19.59
N ARG C 148 -12.97 -39.83 -20.07
CA ARG C 148 -13.85 -40.27 -21.16
C ARG C 148 -15.32 -40.27 -20.75
N SER C 149 -15.61 -40.41 -19.47
CA SER C 149 -17.01 -40.50 -19.03
C SER C 149 -17.76 -39.18 -19.25
N ASP C 150 -17.06 -38.05 -19.17
CA ASP C 150 -17.71 -36.75 -19.20
C ASP C 150 -17.27 -35.85 -20.34
N THR C 151 -16.40 -36.31 -21.23
CA THR C 151 -15.91 -35.51 -22.34
C THR C 151 -16.11 -36.27 -23.65
N SER C 152 -15.94 -35.55 -24.75
CA SER C 152 -16.16 -36.12 -26.08
C SER C 152 -15.47 -35.26 -27.12
N GLY C 153 -15.32 -35.83 -28.31
CA GLY C 153 -14.73 -35.10 -29.41
C GLY C 153 -13.24 -34.85 -29.22
N HIS C 154 -12.75 -33.85 -29.97
CA HIS C 154 -11.35 -33.48 -29.89
C HIS C 154 -10.97 -32.96 -28.50
N PHE C 155 -11.93 -32.48 -27.73
CA PHE C 155 -11.63 -32.03 -26.37
C PHE C 155 -11.19 -33.20 -25.50
N GLN C 156 -11.94 -34.29 -25.54
CA GLN C 156 -11.52 -35.51 -24.85
C GLN C 156 -10.08 -35.88 -25.22
N ARG C 157 -9.74 -35.80 -26.52
CA ARG C 157 -8.40 -36.19 -26.94
C ARG C 157 -7.35 -35.26 -26.34
N LEU C 158 -7.64 -33.96 -26.29
CA LEU C 158 -6.68 -33.02 -25.72
C LEU C 158 -6.40 -33.35 -24.27
N LEU C 159 -7.45 -33.58 -23.49
CA LEU C 159 -7.27 -33.91 -22.08
C LEU C 159 -6.49 -35.21 -21.91
N ILE C 160 -6.86 -36.24 -22.67
CA ILE C 160 -6.15 -37.51 -22.59
C ILE C 160 -4.70 -37.34 -23.00
N SER C 161 -4.44 -36.59 -24.06
CA SER C 161 -3.06 -36.28 -24.42
C SER C 161 -2.31 -35.70 -23.25
N LEU C 162 -2.86 -34.63 -22.65
CA LEU C 162 -2.18 -33.94 -21.57
C LEU C 162 -2.01 -34.83 -20.34
N SER C 163 -2.97 -35.72 -20.09
CA SER C 163 -2.91 -36.56 -18.90
C SER C 163 -1.87 -37.67 -19.01
N GLN C 164 -1.08 -37.70 -20.09
CA GLN C 164 0.01 -38.65 -20.19
C GLN C 164 1.26 -38.18 -19.46
N GLY C 165 1.36 -36.88 -19.16
CA GLY C 165 2.56 -36.33 -18.56
C GLY C 165 3.80 -36.75 -19.31
N ASN C 166 3.75 -36.62 -20.65
CA ASN C 166 4.83 -37.10 -21.51
C ASN C 166 5.30 -36.03 -22.49
N ARG C 167 5.12 -34.75 -22.16
CA ARG C 167 5.68 -33.71 -23.01
C ARG C 167 7.19 -33.85 -23.09
N ASP C 168 7.72 -33.69 -24.29
CA ASP C 168 9.17 -33.72 -24.47
C ASP C 168 9.82 -32.71 -23.54
N GLU C 169 10.91 -33.12 -22.89
CA GLU C 169 11.57 -32.30 -21.88
C GLU C 169 12.91 -31.76 -22.37
N SER C 170 13.23 -31.94 -23.64
CA SER C 170 14.46 -31.40 -24.20
C SER C 170 14.42 -29.87 -24.18
N THR C 171 15.59 -29.26 -23.97
CA THR C 171 15.73 -27.82 -24.01
C THR C 171 16.45 -27.33 -25.26
N ASN C 172 17.08 -28.22 -26.02
CA ASN C 172 17.66 -27.84 -27.30
C ASN C 172 16.54 -27.82 -28.35
N VAL C 173 16.65 -26.86 -29.27
CA VAL C 173 15.59 -26.59 -30.25
C VAL C 173 16.13 -26.81 -31.65
N ASP C 174 15.33 -27.47 -32.49
CA ASP C 174 15.65 -27.68 -33.90
C ASP C 174 14.82 -26.68 -34.72
N MET C 175 15.49 -25.64 -35.24
CA MET C 175 14.76 -24.61 -35.95
C MET C 175 14.11 -25.13 -37.23
N SER C 176 14.71 -26.14 -37.88
CA SER C 176 14.07 -26.74 -39.03
C SER C 176 12.70 -27.29 -38.67
N LEU C 177 12.59 -27.94 -37.51
CA LEU C 177 11.31 -28.48 -37.07
C LEU C 177 10.38 -27.39 -36.57
N VAL C 178 10.91 -26.33 -35.97
CA VAL C 178 10.08 -25.19 -35.59
C VAL C 178 9.38 -24.62 -36.81
N GLN C 179 10.17 -24.24 -37.83
CA GLN C 179 9.59 -23.71 -39.05
C GLN C 179 8.57 -24.65 -39.66
N ARG C 180 8.88 -25.95 -39.70
CA ARG C 180 7.95 -26.91 -40.29
C ARG C 180 6.68 -27.02 -39.46
N ASP C 181 6.81 -26.99 -38.13
CA ASP C 181 5.63 -27.00 -37.28
C ASP C 181 4.79 -25.75 -37.49
N VAL C 182 5.46 -24.60 -37.65
CA VAL C 182 4.75 -23.36 -37.92
C VAL C 182 3.91 -23.47 -39.19
N GLN C 183 4.51 -24.01 -40.26
CA GLN C 183 3.76 -24.14 -41.51
C GLN C 183 2.57 -25.06 -41.34
N GLU C 184 2.72 -26.14 -40.56
CA GLU C 184 1.62 -27.07 -40.36
C GLU C 184 0.48 -26.42 -39.59
N LEU C 185 0.81 -25.67 -38.53
CA LEU C 185 -0.23 -24.99 -37.78
C LEU C 185 -1.00 -24.01 -38.65
N TYR C 186 -0.27 -23.18 -39.41
CA TYR C 186 -0.95 -22.26 -40.33
C TYR C 186 -1.79 -23.03 -41.34
N ALA C 187 -1.23 -24.10 -41.91
CA ALA C 187 -1.95 -24.89 -42.90
C ALA C 187 -3.09 -25.69 -42.29
N ALA C 188 -3.04 -25.97 -41.00
CA ALA C 188 -4.09 -26.72 -40.33
C ALA C 188 -5.23 -25.83 -39.84
N GLY C 189 -5.04 -24.51 -39.86
CA GLY C 189 -6.07 -23.61 -39.37
C GLY C 189 -6.45 -22.51 -40.33
N GLU C 190 -5.85 -21.34 -40.18
CA GLU C 190 -6.36 -20.15 -40.85
C GLU C 190 -6.07 -20.15 -42.34
N ASN C 191 -4.99 -20.82 -42.78
CA ASN C 191 -4.65 -20.87 -44.20
C ASN C 191 -5.36 -22.00 -44.93
N ARG C 192 -6.48 -22.49 -44.39
CA ARG C 192 -7.29 -23.48 -45.08
C ARG C 192 -8.74 -23.28 -44.67
N LEU C 193 -9.64 -23.89 -45.44
CA LEU C 193 -11.05 -23.92 -45.09
C LEU C 193 -11.29 -25.12 -44.17
N GLY C 194 -11.90 -24.87 -43.02
CA GLY C 194 -12.02 -25.91 -42.01
C GLY C 194 -10.79 -25.96 -41.13
N THR C 195 -10.81 -26.92 -40.20
CA THR C 195 -9.76 -27.02 -39.19
C THR C 195 -9.35 -28.47 -39.00
N ASP C 196 -8.04 -28.68 -38.88
CA ASP C 196 -7.48 -29.99 -38.57
C ASP C 196 -7.08 -29.98 -37.08
N GLU C 197 -8.08 -30.19 -36.23
CA GLU C 197 -7.85 -30.11 -34.79
C GLU C 197 -6.71 -31.02 -34.33
N SER C 198 -6.51 -32.15 -35.02
CA SER C 198 -5.53 -33.12 -34.55
C SER C 198 -4.10 -32.60 -34.71
N LYS C 199 -3.84 -31.77 -35.73
CA LYS C 199 -2.49 -31.27 -35.93
C LYS C 199 -2.08 -30.34 -34.80
N PHE C 200 -3.01 -29.50 -34.33
CA PHE C 200 -2.74 -28.68 -33.15
C PHE C 200 -2.49 -29.57 -31.93
N ASN C 201 -3.38 -30.55 -31.71
CA ASN C 201 -3.26 -31.43 -30.56
C ASN C 201 -1.88 -32.09 -30.51
N ALA C 202 -1.44 -32.65 -31.63
CA ALA C 202 -0.16 -33.36 -31.65
C ALA C 202 1.00 -32.40 -31.42
N ILE C 203 0.95 -31.20 -31.99
CA ILE C 203 2.08 -30.29 -31.89
C ILE C 203 2.11 -29.61 -30.51
N LEU C 204 0.96 -29.15 -30.02
CA LEU C 204 0.93 -28.42 -28.76
C LEU C 204 1.09 -29.32 -27.55
N CYS C 205 0.84 -30.62 -27.69
CA CYS C 205 0.92 -31.55 -26.57
C CYS C 205 2.25 -32.27 -26.47
N SER C 206 2.87 -32.59 -27.61
CA SER C 206 4.03 -33.47 -27.61
C SER C 206 5.36 -32.73 -27.71
N ARG C 207 5.40 -31.55 -28.33
CA ARG C 207 6.65 -30.82 -28.48
C ARG C 207 7.08 -30.22 -27.15
N SER C 208 8.39 -30.06 -27.00
CA SER C 208 8.94 -29.52 -25.77
C SER C 208 8.55 -28.05 -25.61
N ARG C 209 8.55 -27.59 -24.35
CA ARG C 209 8.19 -26.20 -24.08
C ARG C 209 9.16 -25.25 -24.77
N ALA C 210 10.46 -25.52 -24.70
CA ALA C 210 11.44 -24.67 -25.36
C ALA C 210 11.22 -24.65 -26.88
N HIS C 211 10.75 -25.76 -27.44
CA HIS C 211 10.48 -25.79 -28.87
C HIS C 211 9.26 -24.94 -29.22
N LEU C 212 8.19 -25.06 -28.43
CA LEU C 212 6.94 -24.37 -28.75
C LEU C 212 7.02 -22.88 -28.48
N VAL C 213 7.96 -22.42 -27.65
CA VAL C 213 8.16 -20.99 -27.49
C VAL C 213 8.70 -20.39 -28.79
N ALA C 214 9.67 -21.05 -29.41
CA ALA C 214 10.16 -20.60 -30.71
C ALA C 214 9.07 -20.69 -31.77
N VAL C 215 8.25 -21.74 -31.72
CA VAL C 215 7.16 -21.88 -32.67
C VAL C 215 6.21 -20.69 -32.57
N PHE C 216 5.82 -20.34 -31.34
CA PHE C 216 4.92 -19.21 -31.15
C PHE C 216 5.57 -17.92 -31.63
N ASN C 217 6.88 -17.78 -31.43
CA ASN C 217 7.57 -16.59 -31.91
C ASN C 217 7.62 -16.57 -33.43
N GLU C 218 7.92 -17.71 -34.05
CA GLU C 218 8.00 -17.77 -35.50
C GLU C 218 6.63 -17.69 -36.15
N TYR C 219 5.60 -18.27 -35.51
CA TYR C 219 4.26 -18.19 -36.06
C TYR C 219 3.75 -16.75 -36.11
N GLN C 220 4.02 -15.99 -35.05
CA GLN C 220 3.70 -14.56 -35.07
C GLN C 220 4.40 -13.88 -36.23
N ARG C 221 5.69 -14.13 -36.39
CA ARG C 221 6.46 -13.47 -37.44
C ARG C 221 5.96 -13.86 -38.83
N MET C 222 5.73 -15.16 -39.05
CA MET C 222 5.39 -15.63 -40.38
C MET C 222 3.99 -15.21 -40.78
N THR C 223 3.02 -15.34 -39.88
CA THR C 223 1.63 -15.08 -40.22
C THR C 223 1.16 -13.68 -39.83
N GLY C 224 1.94 -12.94 -39.06
CA GLY C 224 1.54 -11.61 -38.63
C GLY C 224 0.53 -11.58 -37.51
N ARG C 225 0.21 -12.72 -36.89
CA ARG C 225 -0.74 -12.76 -35.79
C ARG C 225 -0.32 -13.86 -34.83
N ASP C 226 -0.82 -13.76 -33.60
CA ASP C 226 -0.42 -14.70 -32.57
C ASP C 226 -1.23 -15.99 -32.66
N ILE C 227 -0.62 -17.09 -32.22
CA ILE C 227 -1.26 -18.40 -32.33
C ILE C 227 -2.60 -18.42 -31.61
N GLU C 228 -2.75 -17.62 -30.55
CA GLU C 228 -4.01 -17.59 -29.83
C GLU C 228 -5.13 -17.05 -30.73
N LYS C 229 -4.80 -16.10 -31.60
CA LYS C 229 -5.80 -15.56 -32.52
C LYS C 229 -6.30 -16.64 -33.47
N SER C 230 -5.37 -17.43 -34.02
CA SER C 230 -5.76 -18.53 -34.89
C SER C 230 -6.71 -19.49 -34.18
N ILE C 231 -6.44 -19.78 -32.91
CA ILE C 231 -7.24 -20.75 -32.18
C ILE C 231 -8.63 -20.19 -31.87
N CYS C 232 -8.70 -18.91 -31.49
CA CYS C 232 -10.01 -18.30 -31.27
C CYS C 232 -10.83 -18.32 -32.54
N ARG C 233 -10.20 -18.01 -33.68
CA ARG C 233 -10.93 -17.95 -34.94
C ARG C 233 -11.33 -19.34 -35.41
N GLU C 234 -10.45 -20.33 -35.23
CA GLU C 234 -10.67 -21.66 -35.81
C GLU C 234 -11.47 -22.58 -34.91
N MET C 235 -11.31 -22.48 -33.60
CA MET C 235 -11.93 -23.41 -32.66
C MET C 235 -12.92 -22.68 -31.77
N SER C 236 -13.81 -23.45 -31.16
CA SER C 236 -14.85 -22.90 -30.31
C SER C 236 -15.14 -23.89 -29.18
N GLY C 237 -15.81 -23.38 -28.14
CA GLY C 237 -16.24 -24.24 -27.06
C GLY C 237 -15.10 -24.63 -26.13
N ASP C 238 -15.25 -25.81 -25.53
CA ASP C 238 -14.27 -26.27 -24.56
C ASP C 238 -12.91 -26.56 -25.19
N LEU C 239 -12.91 -27.01 -26.46
CA LEU C 239 -11.64 -27.26 -27.14
C LEU C 239 -10.84 -25.98 -27.30
N GLU C 240 -11.52 -24.89 -27.69
CA GLU C 240 -10.84 -23.61 -27.81
C GLU C 240 -10.24 -23.19 -26.47
N GLN C 241 -11.05 -23.23 -25.42
CA GLN C 241 -10.55 -22.91 -24.08
C GLN C 241 -9.37 -23.80 -23.72
N GLY C 242 -9.48 -25.10 -23.99
CA GLY C 242 -8.38 -26.00 -23.68
C GLY C 242 -7.13 -25.66 -24.44
N MET C 243 -7.25 -25.45 -25.75
CA MET C 243 -6.09 -25.10 -26.55
C MET C 243 -5.46 -23.80 -26.06
N LEU C 244 -6.28 -22.78 -25.82
CA LEU C 244 -5.75 -21.52 -25.30
C LEU C 244 -5.02 -21.74 -23.98
N ALA C 245 -5.64 -22.49 -23.06
CA ALA C 245 -5.02 -22.73 -21.76
C ALA C 245 -3.63 -23.34 -21.92
N VAL C 246 -3.47 -24.29 -22.84
CA VAL C 246 -2.17 -24.92 -23.05
C VAL C 246 -1.17 -23.88 -23.53
N VAL C 247 -1.53 -23.11 -24.56
CA VAL C 247 -0.63 -22.09 -25.09
C VAL C 247 -0.24 -21.11 -24.00
N LYS C 248 -1.24 -20.61 -23.25
CA LYS C 248 -0.96 -19.63 -22.20
C LYS C 248 0.03 -20.18 -21.17
N CYS C 249 -0.17 -21.43 -20.74
CA CYS C 249 0.69 -21.98 -19.70
C CYS C 249 2.11 -22.20 -20.21
N LEU C 250 2.25 -22.74 -21.43
CA LEU C 250 3.58 -22.87 -22.02
C LEU C 250 4.27 -21.51 -22.11
N LYS C 251 3.51 -20.47 -22.43
CA LYS C 251 4.05 -19.12 -22.53
C LYS C 251 4.40 -18.57 -21.15
N ASN C 252 3.38 -18.31 -20.34
CA ASN C 252 3.55 -17.62 -19.06
C ASN C 252 2.52 -18.21 -18.09
N THR C 253 2.91 -19.27 -17.40
CA THR C 253 1.98 -19.92 -16.48
C THR C 253 1.48 -19.00 -15.39
N PRO C 254 2.32 -18.16 -14.76
CA PRO C 254 1.77 -17.20 -13.79
C PRO C 254 0.71 -16.29 -14.40
N ALA C 255 0.99 -15.71 -15.57
CA ALA C 255 0.02 -14.82 -16.20
C ALA C 255 -1.27 -15.55 -16.52
N PHE C 256 -1.15 -16.82 -16.96
CA PHE C 256 -2.35 -17.62 -17.18
C PHE C 256 -3.23 -17.65 -15.94
N PHE C 257 -2.66 -18.04 -14.79
CA PHE C 257 -3.44 -18.07 -13.57
C PHE C 257 -3.94 -16.68 -13.20
N ALA C 258 -3.09 -15.66 -13.37
CA ALA C 258 -3.50 -14.29 -13.10
C ALA C 258 -4.80 -13.95 -13.82
N GLU C 259 -4.92 -14.37 -15.08
CA GLU C 259 -6.13 -14.08 -15.84
C GLU C 259 -7.32 -14.88 -15.33
N ARG C 260 -7.10 -16.15 -14.98
CA ARG C 260 -8.19 -16.95 -14.44
C ARG C 260 -8.71 -16.36 -13.13
N LEU C 261 -7.80 -15.92 -12.25
CA LEU C 261 -8.21 -15.25 -11.03
C LEU C 261 -9.04 -14.01 -11.33
N ASN C 262 -8.56 -13.17 -12.25
CA ASN C 262 -9.31 -11.97 -12.61
C ASN C 262 -10.71 -12.33 -13.10
N LYS C 263 -10.80 -13.30 -14.01
CA LYS C 263 -12.11 -13.71 -14.52
C LYS C 263 -12.94 -14.38 -13.44
N ALA C 264 -12.29 -15.03 -12.47
CA ALA C 264 -13.03 -15.64 -11.37
C ALA C 264 -13.68 -14.60 -10.49
N MET C 265 -13.15 -13.38 -10.45
CA MET C 265 -13.59 -12.38 -9.48
C MET C 265 -14.45 -11.28 -10.06
N ARG C 266 -14.34 -10.98 -11.35
CA ARG C 266 -15.03 -9.83 -11.90
C ARG C 266 -16.52 -10.12 -12.08
N GLY C 267 -17.34 -9.14 -11.73
CA GLY C 267 -18.78 -9.28 -11.69
C GLY C 267 -19.31 -9.19 -10.27
N ALA C 268 -20.64 -9.27 -10.18
CA ALA C 268 -21.28 -9.21 -8.86
C ALA C 268 -20.89 -10.41 -8.01
N GLY C 269 -21.05 -11.61 -8.54
CA GLY C 269 -20.72 -12.82 -7.82
C GLY C 269 -19.26 -13.17 -7.96
N THR C 270 -18.91 -14.35 -7.43
CA THR C 270 -17.55 -14.86 -7.47
C THR C 270 -17.58 -16.32 -7.90
N LYS C 271 -16.56 -16.72 -8.66
CA LYS C 271 -16.32 -18.14 -8.94
C LYS C 271 -15.38 -18.68 -7.86
N ASP C 272 -15.94 -18.82 -6.66
CA ASP C 272 -15.13 -19.11 -5.48
C ASP C 272 -14.35 -20.40 -5.62
N ARG C 273 -14.94 -21.41 -6.26
CA ARG C 273 -14.24 -22.68 -6.44
C ARG C 273 -12.90 -22.46 -7.14
N THR C 274 -12.88 -21.63 -8.18
CA THR C 274 -11.63 -21.33 -8.87
C THR C 274 -10.71 -20.49 -8.00
N LEU C 275 -11.26 -19.44 -7.39
CA LEU C 275 -10.48 -18.58 -6.52
C LEU C 275 -9.77 -19.39 -5.44
N ILE C 276 -10.53 -20.25 -4.74
CA ILE C 276 -9.91 -21.11 -3.72
C ILE C 276 -8.87 -22.01 -4.35
N ARG C 277 -9.24 -22.71 -5.43
CA ARG C 277 -8.35 -23.70 -6.03
C ARG C 277 -7.02 -23.07 -6.43
N ILE C 278 -7.07 -21.98 -7.19
CA ILE C 278 -5.84 -21.37 -7.69
C ILE C 278 -4.96 -20.92 -6.53
N MET C 279 -5.53 -20.16 -5.60
CA MET C 279 -4.75 -19.63 -4.49
C MET C 279 -4.10 -20.74 -3.69
N VAL C 280 -4.85 -21.79 -3.36
CA VAL C 280 -4.30 -22.89 -2.60
C VAL C 280 -3.27 -23.65 -3.41
N SER C 281 -3.61 -23.99 -4.66
CA SER C 281 -2.77 -24.92 -5.42
C SER C 281 -1.46 -24.28 -5.85
N ARG C 282 -1.43 -22.97 -6.06
CA ARG C 282 -0.22 -22.30 -6.51
C ARG C 282 0.56 -21.65 -5.38
N SER C 283 0.02 -21.64 -4.16
CA SER C 283 0.62 -20.89 -3.06
C SER C 283 2.10 -21.23 -2.88
N GLU C 284 2.46 -22.50 -3.07
CA GLU C 284 3.83 -22.95 -2.86
C GLU C 284 4.58 -23.23 -4.15
N LEU C 285 4.00 -22.85 -5.29
CA LEU C 285 4.67 -23.00 -6.58
C LEU C 285 5.11 -21.64 -7.11
N ASP C 286 4.17 -20.74 -7.44
CA ASP C 286 4.54 -19.50 -8.11
C ASP C 286 3.49 -18.42 -7.87
N LEU C 287 2.89 -18.41 -6.67
CA LEU C 287 1.87 -17.42 -6.39
C LEU C 287 2.43 -16.02 -6.27
N LEU C 288 3.74 -15.88 -6.01
CA LEU C 288 4.33 -14.54 -6.01
C LEU C 288 4.39 -13.99 -7.43
N ASP C 289 4.80 -14.82 -8.39
CA ASP C 289 4.80 -14.40 -9.78
C ASP C 289 3.39 -14.08 -10.26
N ILE C 290 2.41 -14.87 -9.84
CA ILE C 290 1.02 -14.58 -10.18
C ILE C 290 0.65 -13.18 -9.72
N ARG C 291 0.97 -12.86 -8.47
CA ARG C 291 0.68 -11.52 -7.94
C ARG C 291 1.30 -10.44 -8.83
N ALA C 292 2.58 -10.61 -9.17
CA ALA C 292 3.24 -9.65 -10.03
C ALA C 292 2.51 -9.50 -11.36
N GLU C 293 2.20 -10.62 -12.01
CA GLU C 293 1.52 -10.57 -13.29
C GLU C 293 0.14 -9.94 -13.16
N TYR C 294 -0.56 -10.21 -12.06
CA TYR C 294 -1.87 -9.62 -11.87
C TYR C 294 -1.79 -8.10 -11.85
N LYS C 295 -0.74 -7.55 -11.23
CA LYS C 295 -0.57 -6.10 -11.17
C LYS C 295 -0.22 -5.54 -12.54
N ARG C 296 0.82 -6.09 -13.18
CA ARG C 296 1.23 -5.61 -14.50
C ARG C 296 0.06 -5.64 -15.48
N MET C 297 -0.75 -6.70 -15.44
CA MET C 297 -1.76 -6.88 -16.48
C MET C 297 -3.00 -6.05 -16.22
N TYR C 298 -3.43 -5.93 -14.96
CA TYR C 298 -4.71 -5.30 -14.66
C TYR C 298 -4.58 -3.98 -13.91
N GLY C 299 -3.40 -3.66 -13.38
CA GLY C 299 -3.21 -2.41 -12.64
C GLY C 299 -3.41 -2.59 -11.16
N LYS C 300 -4.49 -3.25 -10.77
CA LYS C 300 -4.76 -3.51 -9.36
C LYS C 300 -3.88 -4.64 -8.85
N SER C 301 -3.71 -4.67 -7.53
CA SER C 301 -3.05 -5.81 -6.89
C SER C 301 -4.06 -6.92 -6.65
N LEU C 302 -3.60 -8.16 -6.77
CA LEU C 302 -4.47 -9.29 -6.46
C LEU C 302 -5.01 -9.16 -5.04
N TYR C 303 -4.17 -8.76 -4.10
CA TYR C 303 -4.64 -8.53 -2.73
C TYR C 303 -5.84 -7.60 -2.73
N HIS C 304 -5.76 -6.51 -3.49
CA HIS C 304 -6.87 -5.55 -3.52
C HIS C 304 -8.15 -6.19 -4.00
N ASP C 305 -8.08 -7.00 -5.05
CA ASP C 305 -9.29 -7.52 -5.68
C ASP C 305 -9.96 -8.59 -4.84
N ILE C 306 -9.18 -9.41 -4.13
CA ILE C 306 -9.78 -10.38 -3.21
C ILE C 306 -10.55 -9.64 -2.12
N THR C 307 -9.91 -8.63 -1.52
CA THR C 307 -10.59 -7.82 -0.51
C THR C 307 -11.89 -7.25 -1.04
N GLY C 308 -11.92 -6.88 -2.31
CA GLY C 308 -13.11 -6.25 -2.87
C GLY C 308 -14.25 -7.22 -3.08
N ASP C 309 -13.95 -8.48 -3.36
CA ASP C 309 -14.96 -9.43 -3.78
C ASP C 309 -15.27 -10.51 -2.76
N THR C 310 -14.56 -10.57 -1.65
CA THR C 310 -14.80 -11.55 -0.60
C THR C 310 -14.91 -10.85 0.75
N SER C 311 -15.37 -11.60 1.76
CA SER C 311 -15.61 -11.03 3.07
C SER C 311 -15.46 -12.12 4.13
N GLY C 312 -15.49 -11.69 5.40
CA GLY C 312 -15.50 -12.61 6.51
C GLY C 312 -14.15 -13.32 6.70
N ASP C 313 -14.22 -14.43 7.44
CA ASP C 313 -13.05 -15.27 7.61
C ASP C 313 -12.58 -15.85 6.27
N TYR C 314 -13.53 -16.11 5.37
CA TYR C 314 -13.16 -16.57 4.03
C TYR C 314 -12.16 -15.62 3.38
N ARG C 315 -12.43 -14.32 3.43
CA ARG C 315 -11.48 -13.35 2.91
C ARG C 315 -10.16 -13.41 3.67
N LYS C 316 -10.23 -13.50 5.00
CA LYS C 316 -9.02 -13.42 5.81
C LYS C 316 -8.02 -14.51 5.42
N ILE C 317 -8.50 -15.74 5.20
CA ILE C 317 -7.59 -16.83 4.86
C ILE C 317 -7.06 -16.66 3.44
N LEU C 318 -7.90 -16.18 2.52
CA LEU C 318 -7.45 -15.94 1.16
C LEU C 318 -6.35 -14.89 1.13
N LEU C 319 -6.50 -13.82 1.92
CA LEU C 319 -5.47 -12.80 1.98
C LEU C 319 -4.23 -13.30 2.70
N LYS C 320 -4.40 -14.17 3.70
CA LYS C 320 -3.25 -14.72 4.39
C LYS C 320 -2.43 -15.61 3.47
N ILE C 321 -3.10 -16.36 2.59
CA ILE C 321 -2.40 -17.11 1.56
C ILE C 321 -1.79 -16.17 0.53
N CYS C 322 -2.54 -15.12 0.15
CA CYS C 322 -2.02 -14.15 -0.81
C CYS C 322 -0.76 -13.50 -0.29
N GLY C 323 -0.79 -13.00 0.94
CA GLY C 323 0.37 -12.35 1.51
C GLY C 323 1.49 -13.33 1.85
N GLY C 324 1.12 -14.49 2.40
CA GLY C 324 2.10 -15.49 2.73
C GLY C 324 2.82 -15.18 4.04
N ASN C 325 3.93 -15.87 4.24
CA ASN C 325 4.75 -15.70 5.44
C ASN C 325 6.23 -15.65 5.10
#